data_4G2C
#
_entry.id   4G2C
#
_cell.length_a   48.131
_cell.length_b   77.952
_cell.length_c   252.353
_cell.angle_alpha   90.00
_cell.angle_beta   90.00
_cell.angle_gamma   90.00
#
_symmetry.space_group_name_H-M   'P 21 21 21'
#
loop_
_entity.id
_entity.type
_entity.pdbx_description
1 polymer DyP2
2 non-polymer 'PROTOPORPHYRIN IX CONTAINING FE'
3 non-polymer 'MANGANESE (II) ION'
4 non-polymer 'ACETATE ION'
5 water water
#
_entity_poly.entity_id   1
_entity_poly.type   'polypeptide(L)'
_entity_poly.pdbx_seq_one_letter_code
;MGHHHHHHHHHHGASGGGSHMENLYFQGAMPVDLSTTLSWKSATGEAATMLDELQPNILKAHVRDRLTVLFLGFGDAAEA
RTFLNGLSGLMKSARTHLQEVEAHKLTKAVGTPYLGVGLTAHGYATLGVTAPADPSFTAGAKAAVEKLADPAVTEWEGHY
QQTIDAVLLLGDATAGPVRTLRRQVEALRPASVTVVGEESGLGLANANGDGIEHFGYVDGRSQPLFLTEDVDAERDTTDG
VNDWDPSAPLEQVLVPDPAAPDPTVHFGSYFVFRKLEQNVRLFKEAERDLAHDLGLRGEDRERAGAMLVGRFEDGTPLTA
QSAPGSHHPVGNDFSYDSDKLGQKCPFHAHIRKTNPRGSGGAEAPEEERKHLMARRGQTYGRRHDDPNADLPPRLRPAKD
VGLLFMAFNSNLGNQFEFTQQIWANNPAFPFPPDGSQPGLDPVIGQGARAPQKYAPEWGHNNVAEATDPIPQAVTMKGGE
YFFMPSLAFLRSL
;
_entity_poly.pdbx_strand_id   A,B
#
# COMPACT_ATOMS: atom_id res chain seq x y z
N VAL A 32 20.05 -29.90 -8.95
CA VAL A 32 19.52 -28.54 -8.87
C VAL A 32 17.99 -28.57 -8.99
N ASP A 33 17.33 -27.99 -8.00
CA ASP A 33 15.89 -27.95 -7.96
C ASP A 33 15.40 -26.66 -8.60
N LEU A 34 14.78 -26.78 -9.77
CA LEU A 34 14.36 -25.60 -10.51
C LEU A 34 12.95 -25.14 -10.13
N SER A 35 12.31 -25.86 -9.20
CA SER A 35 10.90 -25.60 -8.86
C SER A 35 10.64 -24.46 -7.88
N THR A 36 11.67 -23.98 -7.19
CA THR A 36 11.49 -22.87 -6.26
C THR A 36 12.64 -21.89 -6.36
N THR A 37 12.66 -20.93 -5.44
CA THR A 37 13.75 -20.00 -5.33
C THR A 37 14.92 -20.70 -4.67
N LEU A 38 16.10 -20.07 -4.76
CA LEU A 38 17.30 -20.64 -4.17
C LEU A 38 17.89 -19.73 -3.09
N SER A 39 18.33 -20.34 -1.99
CA SER A 39 19.05 -19.63 -0.95
C SER A 39 20.54 -19.71 -1.32
N TRP A 40 21.03 -18.68 -2.00
CA TRP A 40 22.37 -18.75 -2.56
C TRP A 40 23.47 -18.88 -1.50
N LYS A 41 23.20 -18.37 -0.30
CA LYS A 41 24.22 -18.38 0.74
C LYS A 41 24.43 -19.75 1.37
N SER A 42 23.45 -20.62 1.26
CA SER A 42 23.56 -21.93 1.89
C SER A 42 23.37 -23.04 0.88
N ALA A 43 23.42 -22.69 -0.39
CA ALA A 43 23.38 -23.68 -1.47
C ALA A 43 24.56 -24.63 -1.34
N THR A 44 24.33 -25.92 -1.60
CA THR A 44 25.42 -26.89 -1.66
C THR A 44 25.30 -27.78 -2.90
N GLY A 45 26.25 -28.70 -3.03
CA GLY A 45 26.27 -29.64 -4.12
C GLY A 45 26.03 -28.98 -5.46
N GLU A 46 25.15 -29.58 -6.25
CA GLU A 46 24.97 -29.15 -7.63
C GLU A 46 24.54 -27.70 -7.72
N ALA A 47 23.66 -27.28 -6.82
CA ALA A 47 23.17 -25.90 -6.84
C ALA A 47 24.33 -24.93 -6.67
N ALA A 48 25.28 -25.28 -5.80
CA ALA A 48 26.45 -24.44 -5.58
C ALA A 48 27.34 -24.41 -6.83
N THR A 49 27.50 -25.56 -7.45
CA THR A 49 28.25 -25.65 -8.70
C THR A 49 27.58 -24.76 -9.76
N MET A 50 26.26 -24.85 -9.86
CA MET A 50 25.51 -24.09 -10.85
C MET A 50 25.84 -22.61 -10.75
N LEU A 51 25.89 -22.11 -9.53
CA LEU A 51 26.23 -20.71 -9.27
C LEU A 51 27.65 -20.35 -9.69
N ASP A 52 28.57 -21.31 -9.58
CA ASP A 52 29.97 -21.12 -9.94
C ASP A 52 30.12 -21.08 -11.44
N GLU A 53 29.15 -21.65 -12.14
CA GLU A 53 29.25 -21.74 -13.60
C GLU A 53 28.24 -20.85 -14.34
N LEU A 54 27.48 -20.07 -13.57
CA LEU A 54 26.47 -19.21 -14.15
C LEU A 54 27.01 -17.80 -14.36
N GLN A 55 26.67 -17.19 -15.50
CA GLN A 55 26.96 -15.78 -15.70
C GLN A 55 26.18 -14.89 -14.73
N PRO A 56 26.76 -13.73 -14.37
CA PRO A 56 26.08 -12.65 -13.64
C PRO A 56 24.93 -12.06 -14.46
N ASN A 57 24.12 -11.23 -13.79
CA ASN A 57 23.04 -10.47 -14.43
C ASN A 57 21.78 -11.29 -14.68
N ILE A 58 21.84 -12.60 -14.41
CA ILE A 58 20.71 -13.46 -14.73
C ILE A 58 19.78 -13.64 -13.52
N LEU A 59 20.27 -14.31 -12.48
CA LEU A 59 19.47 -14.49 -11.26
C LEU A 59 19.33 -13.18 -10.46
N LYS A 60 20.21 -12.22 -10.74
CA LYS A 60 20.21 -10.93 -10.05
C LYS A 60 20.86 -9.91 -10.98
N ALA A 61 20.17 -8.81 -11.26
CA ALA A 61 20.67 -7.82 -12.21
C ALA A 61 22.08 -7.31 -11.84
N HIS A 62 22.89 -6.94 -12.83
CA HIS A 62 24.18 -6.34 -12.54
C HIS A 62 24.06 -4.84 -12.75
N VAL A 63 24.71 -4.07 -11.89
CA VAL A 63 24.76 -2.62 -12.07
C VAL A 63 25.39 -2.38 -13.43
N ARG A 64 24.78 -1.49 -14.21
CA ARG A 64 25.20 -1.26 -15.58
C ARG A 64 24.80 0.14 -16.04
N ASP A 65 25.03 1.13 -15.16
CA ASP A 65 24.62 2.51 -15.43
C ASP A 65 25.37 3.05 -16.63
N ARG A 66 26.54 2.46 -16.89
CA ARG A 66 27.26 2.67 -18.12
C ARG A 66 27.34 1.31 -18.74
N LEU A 67 26.84 1.20 -19.97
CA LEU A 67 26.79 -0.09 -20.65
C LEU A 67 27.21 0.05 -22.09
N THR A 68 28.15 -0.80 -22.50
CA THR A 68 28.53 -0.92 -23.90
C THR A 68 28.01 -2.25 -24.43
N VAL A 69 27.29 -2.22 -25.55
CA VAL A 69 26.76 -3.43 -26.19
C VAL A 69 27.47 -3.65 -27.52
N LEU A 70 27.99 -4.85 -27.74
CA LEU A 70 28.73 -5.17 -28.95
C LEU A 70 28.12 -6.39 -29.63
N PHE A 71 27.66 -6.21 -30.86
CA PHE A 71 27.17 -7.33 -31.66
C PHE A 71 28.28 -7.80 -32.58
N LEU A 72 28.51 -9.11 -32.61
CA LEU A 72 29.66 -9.67 -33.31
C LEU A 72 29.24 -10.53 -34.49
N GLY A 73 30.16 -10.70 -35.44
CA GLY A 73 30.02 -11.66 -36.53
C GLY A 73 31.23 -12.59 -36.54
N PHE A 74 31.00 -13.89 -36.70
CA PHE A 74 32.07 -14.87 -36.73
C PHE A 74 32.53 -15.17 -38.15
N GLY A 75 33.72 -14.70 -38.50
CA GLY A 75 34.32 -14.98 -39.80
C GLY A 75 34.95 -16.37 -39.93
N ASP A 76 35.47 -16.90 -38.83
CA ASP A 76 36.09 -18.23 -38.82
C ASP A 76 35.76 -18.99 -37.53
N ALA A 77 35.37 -20.24 -37.65
CA ALA A 77 34.86 -20.97 -36.49
C ALA A 77 35.93 -21.21 -35.42
N ALA A 78 37.10 -21.67 -35.86
CA ALA A 78 38.20 -21.95 -34.94
C ALA A 78 38.64 -20.69 -34.19
N GLU A 79 38.71 -19.57 -34.91
CA GLU A 79 39.11 -18.33 -34.28
C GLU A 79 38.05 -17.83 -33.29
N ALA A 80 36.78 -18.11 -33.58
CA ALA A 80 35.71 -17.65 -32.70
C ALA A 80 35.75 -18.41 -31.38
N ARG A 81 35.93 -19.73 -31.48
CA ARG A 81 36.08 -20.59 -30.31
C ARG A 81 37.25 -20.15 -29.44
N THR A 82 38.34 -19.75 -30.07
CA THR A 82 39.48 -19.26 -29.33
C THR A 82 39.11 -17.94 -28.62
N PHE A 83 38.47 -17.03 -29.34
CA PHE A 83 38.02 -15.77 -28.76
C PHE A 83 37.15 -15.98 -27.52
N LEU A 84 36.06 -16.72 -27.69
CA LEU A 84 35.18 -17.04 -26.57
C LEU A 84 35.96 -17.61 -25.39
N ASN A 85 36.87 -18.54 -25.67
CA ASN A 85 37.67 -19.14 -24.62
C ASN A 85 38.39 -18.06 -23.81
N GLY A 86 38.93 -17.06 -24.52
CA GLY A 86 39.65 -15.98 -23.86
C GLY A 86 38.73 -15.07 -23.08
N LEU A 87 37.54 -14.83 -23.62
CA LEU A 87 36.51 -14.10 -22.90
C LEU A 87 36.16 -14.78 -21.57
N SER A 88 35.95 -16.09 -21.60
CA SER A 88 35.62 -16.82 -20.39
C SER A 88 36.65 -16.53 -19.30
N GLY A 89 37.88 -16.22 -19.71
CA GLY A 89 38.93 -15.83 -18.78
C GLY A 89 38.70 -14.48 -18.10
N LEU A 90 37.91 -13.61 -18.73
CA LEU A 90 37.65 -12.29 -18.14
C LEU A 90 36.34 -12.25 -17.37
N MET A 91 35.72 -13.41 -17.20
CA MET A 91 34.35 -13.46 -16.67
C MET A 91 34.27 -13.93 -15.23
N LYS A 92 33.43 -13.25 -14.44
CA LYS A 92 33.16 -13.70 -13.09
C LYS A 92 31.85 -14.50 -13.06
N SER A 93 31.66 -15.32 -12.01
CA SER A 93 30.48 -16.17 -11.92
C SER A 93 29.33 -15.46 -11.23
N ALA A 94 28.13 -16.01 -11.37
CA ALA A 94 27.01 -15.53 -10.59
C ALA A 94 27.40 -15.38 -9.12
N ARG A 95 28.01 -16.43 -8.56
CA ARG A 95 28.34 -16.41 -7.13
C ARG A 95 29.32 -15.28 -6.76
N THR A 96 30.38 -15.11 -7.55
CA THR A 96 31.29 -14.00 -7.29
C THR A 96 30.52 -12.67 -7.33
N HIS A 97 29.60 -12.56 -8.28
CA HIS A 97 28.84 -11.31 -8.40
C HIS A 97 28.03 -11.07 -7.14
N LEU A 98 27.41 -12.13 -6.64
CA LEU A 98 26.54 -12.03 -5.46
C LEU A 98 27.33 -11.59 -4.23
N GLN A 99 28.51 -12.18 -4.09
CA GLN A 99 29.44 -11.85 -3.02
C GLN A 99 29.77 -10.38 -3.12
N GLU A 100 30.08 -9.93 -4.32
CA GLU A 100 30.33 -8.50 -4.53
C GLU A 100 29.12 -7.68 -4.07
N VAL A 101 27.92 -8.07 -4.49
CA VAL A 101 26.72 -7.35 -4.04
C VAL A 101 26.64 -7.28 -2.51
N GLU A 102 26.73 -8.42 -1.86
CA GLU A 102 26.74 -8.47 -0.40
C GLU A 102 27.84 -7.57 0.19
N ALA A 103 29.03 -7.61 -0.38
CA ALA A 103 30.14 -6.78 0.11
C ALA A 103 29.84 -5.29 0.00
N HIS A 104 29.16 -4.89 -1.06
CA HIS A 104 28.85 -3.48 -1.26
C HIS A 104 27.88 -2.99 -0.18
N LYS A 105 26.83 -3.77 0.08
CA LYS A 105 25.84 -3.43 1.09
C LYS A 105 26.51 -3.35 2.44
N LEU A 106 27.30 -4.38 2.77
CA LEU A 106 27.98 -4.49 4.05
C LEU A 106 29.08 -3.45 4.30
N THR A 107 29.86 -3.14 3.26
CA THR A 107 31.09 -2.38 3.45
C THR A 107 31.33 -1.34 2.36
N LYS A 108 30.30 -1.07 1.56
CA LYS A 108 30.41 -0.09 0.49
C LYS A 108 31.44 -0.45 -0.60
N ALA A 109 32.01 -1.65 -0.52
CA ALA A 109 32.88 -2.18 -1.58
C ALA A 109 32.32 -1.97 -2.99
N VAL A 110 33.20 -1.74 -3.95
CA VAL A 110 32.77 -1.36 -5.31
C VAL A 110 32.46 -2.52 -6.26
N GLY A 111 33.17 -3.63 -6.12
CA GLY A 111 32.93 -4.76 -6.99
C GLY A 111 33.58 -4.56 -8.36
N THR A 112 33.39 -5.53 -9.24
CA THR A 112 34.03 -5.45 -10.56
C THR A 112 33.02 -5.27 -11.70
N PRO A 113 33.54 -5.07 -12.90
CA PRO A 113 32.71 -4.85 -14.10
C PRO A 113 31.96 -6.13 -14.50
N TYR A 114 30.95 -5.96 -15.34
CA TYR A 114 30.17 -7.08 -15.88
C TYR A 114 30.50 -7.28 -17.36
N LEU A 115 30.91 -8.51 -17.66
CA LEU A 115 31.12 -8.97 -19.04
C LEU A 115 30.12 -10.07 -19.34
N GLY A 116 29.08 -9.74 -20.11
CA GLY A 116 28.09 -10.73 -20.47
C GLY A 116 28.32 -11.23 -21.88
N VAL A 117 28.06 -12.51 -22.11
CA VAL A 117 28.27 -13.09 -23.41
C VAL A 117 27.04 -13.92 -23.85
N GLY A 118 26.43 -13.52 -24.97
CA GLY A 118 25.38 -14.32 -25.56
C GLY A 118 25.68 -14.75 -26.99
N LEU A 119 25.15 -15.91 -27.37
CA LEU A 119 25.25 -16.45 -28.72
C LEU A 119 23.90 -16.60 -29.40
N THR A 120 23.83 -16.28 -30.69
CA THR A 120 22.60 -16.48 -31.46
C THR A 120 22.58 -17.88 -32.04
N ALA A 121 21.42 -18.33 -32.50
CA ALA A 121 21.35 -19.63 -33.15
C ALA A 121 22.34 -19.68 -34.30
N HIS A 122 22.42 -18.59 -35.06
CA HIS A 122 23.37 -18.55 -36.15
C HIS A 122 24.79 -18.69 -35.66
N GLY A 123 25.08 -18.11 -34.49
CA GLY A 123 26.42 -18.17 -33.95
C GLY A 123 26.79 -19.58 -33.51
N TYR A 124 25.81 -20.32 -33.02
CA TYR A 124 26.02 -21.74 -32.72
C TYR A 124 26.33 -22.51 -34.00
N ALA A 125 25.61 -22.17 -35.07
CA ALA A 125 25.82 -22.82 -36.35
C ALA A 125 27.24 -22.58 -36.87
N THR A 126 27.72 -21.33 -36.80
CA THR A 126 29.08 -21.02 -37.20
C THR A 126 30.12 -21.80 -36.40
N LEU A 127 29.84 -21.99 -35.13
CA LEU A 127 30.77 -22.70 -34.26
C LEU A 127 30.67 -24.21 -34.46
N GLY A 128 29.59 -24.64 -35.13
CA GLY A 128 29.27 -26.05 -35.25
C GLY A 128 28.95 -26.73 -33.91
N VAL A 129 28.16 -26.07 -33.07
CA VAL A 129 27.87 -26.61 -31.73
C VAL A 129 26.37 -26.90 -31.52
N THR A 130 26.07 -27.96 -30.77
CA THR A 130 24.68 -28.24 -30.42
C THR A 130 24.01 -27.03 -29.77
N ALA A 131 22.89 -26.57 -30.33
CA ALA A 131 22.26 -25.33 -29.82
C ALA A 131 21.03 -25.57 -28.96
N PRO A 132 20.77 -24.64 -28.03
CA PRO A 132 19.52 -24.60 -27.28
C PRO A 132 18.36 -24.73 -28.27
N ALA A 133 17.22 -25.29 -27.86
CA ALA A 133 16.20 -25.66 -28.83
C ALA A 133 14.93 -24.79 -28.84
N ASP A 134 14.85 -23.79 -27.97
CA ASP A 134 13.70 -22.89 -28.05
C ASP A 134 13.45 -22.48 -29.51
N PRO A 135 12.23 -22.69 -30.01
CA PRO A 135 11.95 -22.42 -31.43
C PRO A 135 11.96 -20.94 -31.82
N SER A 136 11.74 -20.02 -30.89
CA SER A 136 11.86 -18.59 -31.21
C SER A 136 13.31 -18.23 -31.34
N PHE A 137 14.10 -18.70 -30.39
CA PHE A 137 15.55 -18.58 -30.47
C PHE A 137 16.08 -19.12 -31.78
N THR A 138 15.67 -20.33 -32.15
CA THR A 138 16.20 -20.95 -33.35
C THR A 138 15.86 -20.13 -34.61
N ALA A 139 14.62 -19.67 -34.70
CA ALA A 139 14.15 -18.93 -35.87
C ALA A 139 14.76 -17.53 -35.95
N GLY A 140 15.02 -16.93 -34.78
CA GLY A 140 15.59 -15.60 -34.73
C GLY A 140 14.54 -14.51 -34.68
N ALA A 141 14.90 -13.35 -34.14
CA ALA A 141 13.96 -12.25 -34.01
C ALA A 141 13.44 -11.73 -35.36
N LYS A 142 14.25 -11.80 -36.41
CA LYS A 142 13.76 -11.34 -37.72
C LYS A 142 12.52 -12.13 -38.14
N ALA A 143 12.44 -13.40 -37.71
CA ALA A 143 11.31 -14.26 -38.08
C ALA A 143 10.09 -14.02 -37.20
N ALA A 144 10.28 -13.30 -36.10
CA ALA A 144 9.22 -13.04 -35.14
C ALA A 144 8.40 -11.81 -35.54
N VAL A 145 8.85 -11.11 -36.57
CA VAL A 145 8.28 -9.82 -36.93
C VAL A 145 6.75 -9.84 -37.12
N GLU A 146 6.26 -10.85 -37.84
CA GLU A 146 4.83 -10.93 -38.08
C GLU A 146 4.03 -11.12 -36.79
N LYS A 147 4.41 -12.09 -35.97
CA LYS A 147 3.57 -12.40 -34.81
C LYS A 147 3.58 -11.29 -33.73
N LEU A 148 4.63 -10.47 -33.72
CA LEU A 148 4.76 -9.39 -32.75
C LEU A 148 4.22 -8.07 -33.28
N ALA A 149 3.84 -8.08 -34.56
CA ALA A 149 3.46 -6.87 -35.28
C ALA A 149 4.58 -5.84 -35.28
N ASP A 150 5.83 -6.31 -35.35
CA ASP A 150 6.99 -5.43 -35.45
C ASP A 150 7.08 -4.77 -36.82
N PRO A 151 7.76 -3.63 -36.89
CA PRO A 151 8.07 -3.13 -38.22
C PRO A 151 8.89 -4.17 -38.98
N ALA A 152 8.69 -4.26 -40.29
CA ALA A 152 9.49 -5.13 -41.14
C ALA A 152 10.98 -4.88 -40.95
N VAL A 153 11.77 -5.92 -41.16
CA VAL A 153 13.22 -5.85 -40.95
C VAL A 153 13.85 -4.74 -41.79
N THR A 154 13.27 -4.44 -42.96
CA THR A 154 13.81 -3.40 -43.84
C THR A 154 13.72 -2.01 -43.22
N GLU A 155 12.89 -1.87 -42.18
CA GLU A 155 12.74 -0.60 -41.48
C GLU A 155 13.63 -0.52 -40.24
N TRP A 156 14.30 -1.61 -39.92
CA TRP A 156 15.21 -1.64 -38.77
C TRP A 156 16.50 -0.85 -39.08
N GLU A 157 17.20 -0.40 -38.04
CA GLU A 157 18.52 0.18 -38.26
C GLU A 157 19.46 -0.84 -38.91
N GLY A 158 20.43 -0.33 -39.66
CA GLY A 158 21.28 -1.15 -40.51
C GLY A 158 21.93 -2.34 -39.84
N HIS A 159 22.56 -2.12 -38.68
CA HIS A 159 23.26 -3.21 -38.01
C HIS A 159 22.37 -4.38 -37.56
N TYR A 160 21.07 -4.12 -37.32
CA TYR A 160 20.13 -5.18 -36.94
C TYR A 160 19.62 -5.97 -38.14
N GLN A 161 19.93 -5.49 -39.34
CA GLN A 161 19.54 -6.21 -40.56
C GLN A 161 20.61 -7.25 -40.91
N GLN A 162 21.78 -7.15 -40.29
CA GLN A 162 22.91 -8.05 -40.56
C GLN A 162 22.78 -9.33 -39.76
N THR A 163 23.50 -10.36 -40.18
CA THR A 163 23.50 -11.61 -39.42
C THR A 163 24.41 -11.51 -38.22
N ILE A 164 23.82 -11.69 -37.04
CA ILE A 164 24.53 -11.51 -35.78
C ILE A 164 24.80 -12.87 -35.14
N ASP A 165 26.03 -13.04 -34.68
CA ASP A 165 26.43 -14.30 -34.07
C ASP A 165 26.51 -14.20 -32.54
N ALA A 166 26.85 -13.03 -32.04
CA ALA A 166 27.11 -12.91 -30.62
C ALA A 166 26.87 -11.50 -30.07
N VAL A 167 26.55 -11.42 -28.79
CA VAL A 167 26.50 -10.11 -28.15
C VAL A 167 27.43 -10.07 -26.95
N LEU A 168 28.08 -8.93 -26.77
CA LEU A 168 28.90 -8.72 -25.58
C LEU A 168 28.27 -7.58 -24.79
N LEU A 169 28.12 -7.78 -23.48
CA LEU A 169 27.66 -6.73 -22.60
C LEU A 169 28.78 -6.38 -21.62
N LEU A 170 29.17 -5.11 -21.62
CA LEU A 170 30.19 -4.61 -20.72
C LEU A 170 29.56 -3.51 -19.88
N GLY A 171 29.40 -3.76 -18.58
CA GLY A 171 28.67 -2.84 -17.72
C GLY A 171 29.32 -2.57 -16.37
N ASP A 172 29.06 -1.38 -15.85
CA ASP A 172 29.65 -0.96 -14.58
C ASP A 172 28.90 0.30 -14.12
N ALA A 173 29.17 0.72 -12.89
CA ALA A 173 28.58 1.93 -12.35
C ALA A 173 29.11 3.18 -13.06
N THR A 174 30.35 3.10 -13.55
CA THR A 174 30.99 4.26 -14.16
C THR A 174 31.69 3.87 -15.45
N ALA A 175 31.92 4.86 -16.31
CA ALA A 175 32.51 4.66 -17.64
C ALA A 175 33.92 4.06 -17.61
N GLY A 176 34.70 4.42 -16.61
CA GLY A 176 36.08 4.04 -16.53
C GLY A 176 36.39 2.57 -16.75
N PRO A 177 35.89 1.71 -15.85
CA PRO A 177 36.16 0.27 -15.92
C PRO A 177 35.50 -0.37 -17.16
N VAL A 178 34.53 0.30 -17.75
CA VAL A 178 33.99 -0.19 -19.01
C VAL A 178 35.00 0.02 -20.14
N ARG A 179 35.64 1.18 -20.14
CA ARG A 179 36.73 1.45 -21.09
C ARG A 179 37.83 0.42 -20.94
N THR A 180 38.27 0.21 -19.69
CA THR A 180 39.29 -0.79 -19.43
C THR A 180 38.90 -2.18 -19.96
N LEU A 181 37.71 -2.65 -19.59
CA LEU A 181 37.26 -3.97 -20.04
C LEU A 181 37.23 -4.08 -21.57
N ARG A 182 36.72 -3.04 -22.23
CA ARG A 182 36.66 -2.99 -23.68
C ARG A 182 38.07 -3.22 -24.30
N ARG A 183 39.08 -2.58 -23.73
CA ARG A 183 40.46 -2.70 -24.21
C ARG A 183 40.97 -4.13 -24.08
N GLN A 184 40.57 -4.79 -22.99
CA GLN A 184 40.95 -6.19 -22.75
C GLN A 184 40.28 -7.14 -23.71
N VAL A 185 39.01 -6.87 -23.99
CA VAL A 185 38.24 -7.63 -24.97
C VAL A 185 38.86 -7.43 -26.34
N GLU A 186 39.14 -6.19 -26.68
CA GLU A 186 39.81 -5.84 -27.94
C GLU A 186 41.11 -6.60 -28.12
N ALA A 187 41.99 -6.47 -27.13
CA ALA A 187 43.26 -7.18 -27.11
C ALA A 187 43.09 -8.62 -27.62
N LEU A 188 42.04 -9.30 -27.15
CA LEU A 188 41.79 -10.70 -27.47
C LEU A 188 41.11 -10.94 -28.82
N ARG A 189 40.62 -9.88 -29.45
CA ARG A 189 39.79 -10.08 -30.63
C ARG A 189 40.57 -10.26 -31.92
N PRO A 190 40.37 -11.40 -32.59
CA PRO A 190 40.97 -11.66 -33.91
C PRO A 190 40.22 -10.90 -34.99
N ALA A 191 40.86 -10.74 -36.15
CA ALA A 191 40.28 -10.00 -37.25
C ALA A 191 39.02 -10.63 -37.86
N SER A 192 38.88 -11.95 -37.72
CA SER A 192 37.71 -12.65 -38.24
C SER A 192 36.47 -12.56 -37.34
N VAL A 193 36.64 -11.89 -36.19
CA VAL A 193 35.50 -11.61 -35.34
C VAL A 193 35.22 -10.13 -35.48
N THR A 194 34.23 -9.81 -36.29
CA THR A 194 33.91 -8.43 -36.56
C THR A 194 32.85 -7.90 -35.59
N VAL A 195 32.91 -6.59 -35.40
CA VAL A 195 31.87 -5.89 -34.70
C VAL A 195 30.88 -5.34 -35.72
N VAL A 196 29.71 -5.94 -35.82
CA VAL A 196 28.73 -5.51 -36.81
C VAL A 196 27.89 -4.35 -36.30
N GLY A 197 27.95 -4.10 -35.00
CA GLY A 197 27.11 -3.08 -34.39
C GLY A 197 27.44 -2.85 -32.93
N GLU A 198 27.14 -1.65 -32.45
CA GLU A 198 27.39 -1.29 -31.06
C GLU A 198 26.29 -0.38 -30.54
N GLU A 199 26.01 -0.44 -29.23
CA GLU A 199 25.08 0.50 -28.60
C GLU A 199 25.67 0.91 -27.25
N SER A 200 25.27 2.06 -26.74
CA SER A 200 25.69 2.50 -25.41
C SER A 200 24.47 2.78 -24.55
N GLY A 201 24.46 2.21 -23.35
CA GLY A 201 23.41 2.47 -22.40
C GLY A 201 23.86 3.48 -21.36
N LEU A 202 22.96 4.38 -21.00
CA LEU A 202 23.25 5.38 -19.99
C LEU A 202 22.06 5.41 -19.05
N GLY A 203 22.29 5.01 -17.80
CA GLY A 203 21.22 4.95 -16.82
C GLY A 203 20.70 6.31 -16.42
N LEU A 204 19.39 6.43 -16.21
CA LEU A 204 18.78 7.66 -15.73
C LEU A 204 18.19 7.48 -14.34
N ALA A 205 18.29 8.50 -13.51
CA ALA A 205 17.72 8.46 -12.18
C ALA A 205 16.95 9.74 -11.87
N ASN A 206 15.95 9.64 -11.00
CA ASN A 206 15.28 10.83 -10.49
C ASN A 206 15.88 11.31 -9.14
N ALA A 207 15.33 12.39 -8.62
CA ALA A 207 15.85 13.03 -7.40
C ALA A 207 15.77 12.11 -6.19
N ASN A 208 14.85 11.14 -6.26
CA ASN A 208 14.71 10.15 -5.19
C ASN A 208 15.75 9.03 -5.30
N GLY A 209 16.52 9.03 -6.39
CA GLY A 209 17.52 8.01 -6.62
C GLY A 209 17.01 6.77 -7.35
N ASP A 210 15.75 6.79 -7.78
CA ASP A 210 15.18 5.65 -8.51
C ASP A 210 15.46 5.75 -10.01
N GLY A 211 15.83 4.65 -10.62
CA GLY A 211 16.03 4.61 -12.06
C GLY A 211 14.76 4.89 -12.85
N ILE A 212 14.87 5.63 -13.95
CA ILE A 212 13.70 5.95 -14.77
C ILE A 212 13.93 5.73 -16.24
N GLU A 213 12.85 5.65 -17.01
CA GLU A 213 12.99 5.63 -18.48
C GLU A 213 12.66 7.00 -19.05
N HIS A 214 12.78 7.17 -20.36
CA HIS A 214 12.73 8.52 -20.95
C HIS A 214 11.41 9.28 -20.80
N PHE A 215 10.30 8.56 -20.59
CA PHE A 215 9.02 9.26 -20.40
C PHE A 215 8.93 9.87 -19.01
N GLY A 216 9.92 9.57 -18.17
CA GLY A 216 10.00 10.12 -16.82
C GLY A 216 9.57 9.18 -15.69
N TYR A 217 9.22 7.95 -16.02
CA TYR A 217 8.63 7.07 -15.01
C TYR A 217 9.66 6.09 -14.43
N VAL A 218 9.62 5.92 -13.12
CA VAL A 218 10.40 4.89 -12.46
C VAL A 218 10.24 3.59 -13.25
N ASP A 219 11.35 2.97 -13.63
CA ASP A 219 11.22 1.75 -14.40
C ASP A 219 12.02 0.66 -13.70
N GLY A 220 11.63 -0.59 -13.91
CA GLY A 220 12.33 -1.69 -13.25
C GLY A 220 12.17 -1.79 -11.75
N ARG A 221 10.98 -1.51 -11.23
CA ARG A 221 10.69 -1.72 -9.81
C ARG A 221 10.28 -3.17 -9.55
N SER A 222 9.44 -3.70 -10.41
CA SER A 222 8.81 -5.00 -10.20
C SER A 222 9.58 -6.08 -10.94
N GLN A 223 10.31 -6.90 -10.19
CA GLN A 223 11.14 -7.95 -10.74
C GLN A 223 10.80 -9.27 -10.07
N PRO A 224 10.81 -10.37 -10.85
CA PRO A 224 10.80 -11.72 -10.28
C PRO A 224 12.05 -11.94 -9.43
N LEU A 225 11.90 -12.44 -8.20
CA LEU A 225 13.05 -12.70 -7.35
C LEU A 225 13.32 -14.21 -7.26
N PHE A 226 14.48 -14.63 -7.78
CA PHE A 226 14.82 -16.05 -7.83
C PHE A 226 15.59 -16.49 -6.58
N LEU A 227 16.10 -15.52 -5.82
CA LEU A 227 16.92 -15.79 -4.65
C LEU A 227 16.15 -15.48 -3.38
N THR A 228 16.22 -16.42 -2.43
CA THR A 228 15.44 -16.30 -1.22
C THR A 228 15.90 -15.09 -0.44
N GLU A 229 17.21 -14.80 -0.53
CA GLU A 229 17.81 -13.64 0.13
C GLU A 229 17.25 -12.34 -0.44
N ASP A 230 16.86 -12.38 -1.71
CA ASP A 230 16.23 -11.21 -2.33
C ASP A 230 14.79 -11.06 -1.84
N VAL A 231 14.11 -12.18 -1.65
CA VAL A 231 12.75 -12.12 -1.16
C VAL A 231 12.72 -11.62 0.29
N ASP A 232 13.69 -12.04 1.09
CA ASP A 232 13.79 -11.53 2.45
C ASP A 232 14.03 -10.03 2.44
N ALA A 233 14.93 -9.59 1.58
CA ALA A 233 15.28 -8.18 1.47
C ALA A 233 14.06 -7.35 1.10
N GLU A 234 13.30 -7.86 0.14
CA GLU A 234 12.10 -7.20 -0.33
C GLU A 234 11.11 -7.06 0.81
N ARG A 235 10.95 -8.12 1.60
CA ARG A 235 10.05 -8.14 2.75
C ARG A 235 10.52 -7.17 3.82
N ASP A 236 11.82 -7.23 4.16
CA ASP A 236 12.33 -6.44 5.28
C ASP A 236 12.45 -4.94 4.98
N THR A 237 12.70 -4.58 3.72
CA THR A 237 13.12 -3.20 3.43
C THR A 237 12.26 -2.44 2.42
N THR A 238 11.14 -3.02 2.00
CA THR A 238 10.21 -2.28 1.14
C THR A 238 8.84 -2.25 1.81
N ASP A 239 7.79 -1.91 1.06
CA ASP A 239 6.46 -1.92 1.63
C ASP A 239 6.09 -3.34 2.08
N GLY A 240 6.66 -4.35 1.43
CA GLY A 240 6.53 -5.74 1.86
C GLY A 240 6.20 -6.70 0.74
N VAL A 241 5.82 -7.92 1.13
CA VAL A 241 5.44 -8.95 0.18
C VAL A 241 4.14 -9.65 0.62
N ASN A 242 3.24 -8.90 1.26
CA ASN A 242 2.01 -9.49 1.82
C ASN A 242 0.95 -9.70 0.76
N ASP A 243 0.93 -8.81 -0.21
CA ASP A 243 -0.12 -8.80 -1.19
C ASP A 243 0.42 -9.39 -2.50
N TRP A 244 1.66 -9.05 -2.84
CA TRP A 244 2.30 -9.59 -4.03
C TRP A 244 3.55 -10.38 -3.67
N ASP A 245 3.57 -11.66 -4.02
CA ASP A 245 4.75 -12.50 -3.83
C ASP A 245 5.61 -12.41 -5.11
N PRO A 246 6.82 -11.82 -5.01
CA PRO A 246 7.66 -11.65 -6.20
C PRO A 246 8.56 -12.86 -6.49
N SER A 247 8.52 -13.87 -5.62
CA SER A 247 9.27 -15.12 -5.83
C SER A 247 9.08 -15.66 -7.23
N ALA A 248 10.13 -16.25 -7.77
CA ALA A 248 10.02 -16.96 -9.03
C ALA A 248 10.95 -18.16 -8.93
N PRO A 249 10.46 -19.33 -9.34
CA PRO A 249 11.28 -20.55 -9.33
C PRO A 249 12.46 -20.39 -10.30
N LEU A 250 13.56 -21.07 -10.06
CA LEU A 250 14.69 -21.07 -10.99
C LEU A 250 14.29 -21.44 -12.42
N GLU A 251 13.35 -22.36 -12.57
CA GLU A 251 12.91 -22.76 -13.92
C GLU A 251 12.31 -21.60 -14.71
N GLN A 252 12.01 -20.49 -14.06
CA GLN A 252 11.43 -19.34 -14.78
C GLN A 252 12.51 -18.49 -15.50
N VAL A 253 13.77 -18.90 -15.41
CA VAL A 253 14.84 -18.15 -16.04
C VAL A 253 15.98 -19.06 -16.50
N LEU A 254 16.28 -20.10 -15.73
CA LEU A 254 17.41 -20.97 -16.06
C LEU A 254 17.04 -22.11 -16.99
N VAL A 255 17.99 -22.46 -17.84
CA VAL A 255 17.86 -23.52 -18.83
C VAL A 255 19.18 -24.32 -18.79
N PRO A 256 19.09 -25.66 -18.77
CA PRO A 256 20.30 -26.46 -18.87
C PRO A 256 21.06 -26.06 -20.13
N ASP A 257 22.37 -25.91 -20.02
CA ASP A 257 23.20 -25.53 -21.17
C ASP A 257 23.55 -26.77 -21.99
N PRO A 258 22.88 -26.96 -23.14
CA PRO A 258 22.93 -28.28 -23.79
C PRO A 258 24.32 -28.72 -24.28
N ALA A 259 25.15 -27.78 -24.70
CA ALA A 259 26.48 -28.10 -25.20
C ALA A 259 27.55 -28.10 -24.10
N ALA A 260 27.15 -27.91 -22.85
CA ALA A 260 28.09 -27.84 -21.74
C ALA A 260 28.59 -29.22 -21.32
N PRO A 261 29.69 -29.26 -20.57
CA PRO A 261 30.22 -30.57 -20.18
C PRO A 261 29.22 -31.36 -19.31
N ASP A 262 28.40 -30.65 -18.54
CA ASP A 262 27.41 -31.30 -17.68
C ASP A 262 26.18 -30.41 -17.49
N PRO A 263 25.17 -30.61 -18.35
CA PRO A 263 23.93 -29.83 -18.30
C PRO A 263 23.17 -30.02 -17.00
N THR A 264 23.57 -30.97 -16.15
CA THR A 264 22.88 -31.12 -14.88
C THR A 264 23.32 -30.05 -13.87
N VAL A 265 24.40 -29.34 -14.18
CA VAL A 265 24.91 -28.30 -13.28
C VAL A 265 25.34 -27.04 -14.04
N HIS A 266 25.38 -27.15 -15.36
CA HIS A 266 25.79 -26.05 -16.20
C HIS A 266 24.57 -25.43 -16.89
N PHE A 267 24.27 -24.20 -16.51
CA PHE A 267 23.02 -23.55 -16.91
C PHE A 267 23.19 -22.23 -17.66
N GLY A 268 22.23 -21.93 -18.52
CA GLY A 268 22.18 -20.65 -19.19
C GLY A 268 20.78 -20.06 -19.22
N SER A 269 20.62 -19.01 -20.02
CA SER A 269 19.31 -18.39 -20.19
C SER A 269 19.20 -17.72 -21.56
N TYR A 270 18.00 -17.74 -22.14
CA TYR A 270 17.67 -16.98 -23.35
C TYR A 270 17.55 -15.47 -23.08
N PHE A 271 17.99 -14.69 -24.07
CA PHE A 271 18.18 -13.25 -23.89
C PHE A 271 17.53 -12.51 -25.03
N VAL A 272 16.62 -11.59 -24.70
CA VAL A 272 15.98 -10.74 -25.70
C VAL A 272 16.69 -9.41 -25.69
N PHE A 273 17.16 -8.96 -26.85
CA PHE A 273 17.62 -7.58 -27.02
C PHE A 273 16.75 -6.89 -28.07
N ARG A 274 16.13 -5.77 -27.69
CA ARG A 274 15.32 -4.96 -28.62
C ARG A 274 15.55 -3.46 -28.38
N LYS A 275 15.99 -2.75 -29.42
CA LYS A 275 16.21 -1.30 -29.32
C LYS A 275 14.90 -0.59 -29.57
N LEU A 276 14.42 0.12 -28.56
CA LEU A 276 13.09 0.73 -28.61
C LEU A 276 13.24 2.24 -28.51
N GLU A 277 12.90 2.92 -29.59
CA GLU A 277 13.01 4.36 -29.58
C GLU A 277 11.77 4.98 -28.94
N GLN A 278 12.01 5.96 -28.08
CA GLN A 278 10.96 6.67 -27.37
C GLN A 278 10.79 8.12 -27.87
N ASN A 279 9.66 8.40 -28.51
CA ASN A 279 9.31 9.77 -28.84
C ASN A 279 8.65 10.41 -27.61
N VAL A 280 9.47 10.93 -26.71
CA VAL A 280 9.01 11.53 -25.47
C VAL A 280 8.04 12.66 -25.76
N ARG A 281 8.38 13.47 -26.75
CA ARG A 281 7.53 14.58 -27.15
C ARG A 281 6.09 14.14 -27.37
N LEU A 282 5.91 13.12 -28.18
CA LEU A 282 4.56 12.71 -28.56
C LEU A 282 3.84 12.08 -27.37
N PHE A 283 4.61 11.39 -26.54
CA PHE A 283 4.04 10.73 -25.36
C PHE A 283 3.51 11.77 -24.38
N LYS A 284 4.25 12.87 -24.21
CA LYS A 284 3.82 13.95 -23.34
C LYS A 284 2.64 14.74 -23.92
N GLU A 285 2.56 14.80 -25.24
CA GLU A 285 1.44 15.46 -25.88
C GLU A 285 0.24 14.58 -25.62
N ALA A 286 0.46 13.28 -25.75
CA ALA A 286 -0.59 12.31 -25.50
C ALA A 286 -1.09 12.42 -24.07
N GLU A 287 -0.19 12.55 -23.10
CA GLU A 287 -0.61 12.75 -21.71
C GLU A 287 -1.50 13.99 -21.64
N ARG A 288 -1.04 15.07 -22.26
CA ARG A 288 -1.79 16.33 -22.25
C ARG A 288 -3.20 16.17 -22.84
N ASP A 289 -3.28 15.61 -24.03
CA ASP A 289 -4.54 15.45 -24.74
C ASP A 289 -5.54 14.55 -24.00
N LEU A 290 -5.05 13.47 -23.39
CA LEU A 290 -5.94 12.57 -22.64
C LEU A 290 -6.49 13.30 -21.42
N ALA A 291 -5.63 14.05 -20.72
CA ALA A 291 -6.07 14.83 -19.58
C ALA A 291 -7.18 15.78 -20.00
N HIS A 292 -6.93 16.54 -21.06
CA HIS A 292 -7.93 17.47 -21.56
C HIS A 292 -9.22 16.75 -21.92
N ASP A 293 -9.09 15.62 -22.62
CA ASP A 293 -10.23 14.80 -23.00
C ASP A 293 -11.08 14.38 -21.79
N LEU A 294 -10.41 14.03 -20.70
CA LEU A 294 -11.10 13.46 -19.55
C LEU A 294 -11.57 14.53 -18.58
N GLY A 295 -11.42 15.79 -18.99
CA GLY A 295 -11.73 16.91 -18.12
C GLY A 295 -10.84 17.07 -16.90
N LEU A 296 -9.66 16.44 -16.89
CA LEU A 296 -8.77 16.54 -15.73
C LEU A 296 -8.20 17.94 -15.52
N ARG A 297 -7.99 18.31 -14.26
CA ARG A 297 -7.62 19.68 -13.92
C ARG A 297 -6.47 19.78 -12.91
N GLY A 298 -5.71 20.85 -12.99
CA GLY A 298 -4.65 21.10 -12.02
C GLY A 298 -3.55 20.07 -12.07
N GLU A 299 -2.92 19.82 -10.93
CA GLU A 299 -1.87 18.79 -10.87
C GLU A 299 -2.46 17.42 -11.21
N ASP A 300 -3.72 17.19 -10.84
CA ASP A 300 -4.41 15.95 -11.17
C ASP A 300 -4.31 15.57 -12.65
N ARG A 301 -3.90 16.51 -13.50
CA ARG A 301 -3.70 16.20 -14.92
C ARG A 301 -2.61 15.15 -15.14
N GLU A 302 -1.69 15.06 -14.17
CA GLU A 302 -0.64 14.05 -14.16
C GLU A 302 -1.20 12.63 -14.15
N ARG A 303 -2.43 12.46 -13.66
CA ARG A 303 -3.04 11.13 -13.58
C ARG A 303 -3.28 10.53 -14.97
N ALA A 304 -3.34 11.37 -16.00
CA ALA A 304 -3.53 10.88 -17.36
C ALA A 304 -2.36 9.98 -17.73
N GLY A 305 -1.16 10.40 -17.31
CA GLY A 305 0.05 9.68 -17.57
C GLY A 305 0.08 8.38 -16.79
N ALA A 306 -0.31 8.46 -15.51
CA ALA A 306 -0.45 7.28 -14.67
C ALA A 306 -1.39 6.25 -15.29
N MET A 307 -2.42 6.72 -15.99
CA MET A 307 -3.39 5.78 -16.60
C MET A 307 -2.76 4.98 -17.73
N LEU A 308 -1.76 5.57 -18.39
CA LEU A 308 -1.09 4.90 -19.51
C LEU A 308 -0.10 3.88 -19.00
N VAL A 309 0.55 4.21 -17.88
CA VAL A 309 1.62 3.39 -17.36
C VAL A 309 1.17 2.45 -16.22
N GLY A 310 0.29 2.96 -15.34
CA GLY A 310 -0.18 2.17 -14.22
C GLY A 310 0.49 2.64 -12.95
N ARG A 311 1.44 3.56 -13.11
CA ARG A 311 2.08 4.25 -11.99
C ARG A 311 2.28 5.71 -12.38
N PHE A 312 2.31 6.59 -11.39
CA PHE A 312 2.77 7.96 -11.60
C PHE A 312 4.29 7.96 -11.85
N GLU A 313 4.82 9.07 -12.33
CA GLU A 313 6.25 9.15 -12.57
C GLU A 313 7.12 8.66 -11.40
N ASP A 314 6.60 8.75 -10.19
CA ASP A 314 7.44 8.58 -8.99
C ASP A 314 7.70 7.21 -8.33
N GLY A 315 7.24 6.06 -8.81
CA GLY A 315 5.98 5.82 -9.45
C GLY A 315 5.09 5.12 -8.40
N THR A 316 4.22 5.94 -7.81
CA THR A 316 3.08 5.49 -7.03
C THR A 316 2.13 4.66 -7.90
N PRO A 317 1.79 3.44 -7.45
CA PRO A 317 0.84 2.61 -8.20
C PRO A 317 -0.52 3.28 -8.26
N LEU A 318 -1.03 3.45 -9.46
CA LEU A 318 -2.31 4.07 -9.69
C LEU A 318 -3.44 3.25 -9.05
N THR A 319 -3.23 1.95 -8.86
CA THR A 319 -4.25 1.13 -8.23
C THR A 319 -4.33 1.43 -6.74
N ALA A 320 -3.29 2.05 -6.17
CA ALA A 320 -3.30 2.32 -4.73
C ALA A 320 -3.55 3.79 -4.35
N GLN A 321 -3.25 4.71 -5.26
CA GLN A 321 -3.35 6.14 -4.95
C GLN A 321 -3.85 6.88 -6.17
N SER A 322 -4.51 8.01 -5.96
CA SER A 322 -4.99 8.83 -7.08
C SER A 322 -3.98 9.91 -7.47
N ALA A 323 -2.81 9.90 -6.81
CA ALA A 323 -1.84 10.96 -6.98
C ALA A 323 -0.49 10.51 -6.43
N PRO A 324 0.60 11.19 -6.85
CA PRO A 324 1.96 10.77 -6.47
C PRO A 324 2.35 11.11 -5.04
N GLY A 325 3.46 10.54 -4.58
CA GLY A 325 3.97 10.78 -3.25
C GLY A 325 4.45 9.57 -2.48
N SER A 326 4.06 8.37 -2.93
CA SER A 326 4.46 7.14 -2.23
C SER A 326 5.77 6.56 -2.74
N HIS A 327 6.88 7.24 -2.48
CA HIS A 327 8.17 6.73 -2.94
C HIS A 327 9.17 6.64 -1.79
N HIS A 328 8.68 6.23 -0.63
CA HIS A 328 9.56 6.04 0.50
C HIS A 328 9.35 4.66 1.17
N PRO A 329 9.66 3.58 0.43
CA PRO A 329 10.16 3.71 -0.94
C PRO A 329 9.06 3.39 -1.93
N VAL A 330 9.39 3.44 -3.22
CA VAL A 330 8.47 3.04 -4.25
C VAL A 330 7.97 1.66 -3.90
N GLY A 331 6.65 1.48 -3.80
CA GLY A 331 6.12 0.19 -3.39
C GLY A 331 5.90 -0.78 -4.54
N ASN A 332 5.81 -2.07 -4.21
CA ASN A 332 5.40 -3.09 -5.18
C ASN A 332 4.42 -4.12 -4.59
N ASP A 333 4.05 -3.92 -3.32
CA ASP A 333 3.18 -4.85 -2.62
C ASP A 333 1.70 -4.54 -2.85
N PHE A 334 1.21 -4.86 -4.04
CA PHE A 334 -0.19 -4.65 -4.38
C PHE A 334 -0.63 -5.65 -5.46
N SER A 335 -1.93 -5.87 -5.54
CA SER A 335 -2.54 -6.63 -6.61
C SER A 335 -3.73 -5.79 -7.06
N TYR A 336 -4.49 -6.29 -8.03
CA TYR A 336 -5.65 -5.57 -8.51
C TYR A 336 -6.98 -6.16 -7.99
N ASP A 337 -6.90 -6.92 -6.90
CA ASP A 337 -8.07 -7.63 -6.37
C ASP A 337 -9.11 -6.69 -5.78
N SER A 338 -8.71 -5.46 -5.44
CA SER A 338 -9.64 -4.41 -5.05
C SER A 338 -9.84 -3.39 -6.15
N ASP A 339 -9.62 -3.82 -7.39
CA ASP A 339 -9.66 -2.93 -8.56
C ASP A 339 -10.13 -3.75 -9.78
N LYS A 340 -10.99 -4.72 -9.52
CA LYS A 340 -11.45 -5.66 -10.56
C LYS A 340 -12.24 -4.97 -11.68
N LEU A 341 -12.73 -3.77 -11.41
CA LEU A 341 -13.48 -3.00 -12.40
C LEU A 341 -12.60 -2.00 -13.15
N GLY A 342 -11.34 -1.90 -12.74
CA GLY A 342 -10.39 -1.01 -13.41
C GLY A 342 -10.69 0.47 -13.25
N GLN A 343 -11.38 0.83 -12.17
CA GLN A 343 -11.75 2.24 -11.94
C GLN A 343 -10.65 3.05 -11.25
N LYS A 344 -9.61 2.38 -10.81
CA LYS A 344 -8.43 3.05 -10.29
C LYS A 344 -7.32 2.96 -11.34
N CYS A 345 -6.78 1.76 -11.51
CA CYS A 345 -5.86 1.49 -12.61
C CYS A 345 -6.62 0.83 -13.75
N PRO A 346 -6.61 1.47 -14.92
CA PRO A 346 -7.34 0.96 -16.09
C PRO A 346 -6.78 -0.39 -16.53
N PHE A 347 -7.62 -1.25 -17.09
CA PHE A 347 -7.19 -2.59 -17.53
C PHE A 347 -6.03 -2.53 -18.49
N HIS A 348 -6.01 -1.51 -19.33
CA HIS A 348 -5.01 -1.41 -20.38
C HIS A 348 -3.74 -0.64 -19.99
N ALA A 349 -3.63 -0.20 -18.73
CA ALA A 349 -2.38 0.43 -18.28
C ALA A 349 -1.22 -0.54 -18.51
N HIS A 350 -0.03 -0.02 -18.81
CA HIS A 350 1.11 -0.86 -19.22
C HIS A 350 1.43 -2.03 -18.25
N ILE A 351 1.59 -1.72 -16.97
CA ILE A 351 1.96 -2.75 -16.01
C ILE A 351 0.85 -3.76 -15.75
N ARG A 352 -0.40 -3.35 -15.98
CA ARG A 352 -1.55 -4.24 -15.75
C ARG A 352 -1.71 -5.18 -16.94
N LYS A 353 -1.51 -4.65 -18.15
CA LYS A 353 -1.43 -5.45 -19.37
C LYS A 353 -0.31 -6.50 -19.23
N THR A 354 0.84 -6.09 -18.73
CA THR A 354 2.02 -6.95 -18.76
C THR A 354 2.20 -7.79 -17.49
N ASN A 355 1.44 -7.45 -16.45
CA ASN A 355 1.34 -8.29 -15.27
C ASN A 355 0.05 -7.98 -14.53
N PRO A 356 -1.03 -8.67 -14.92
CA PRO A 356 -2.32 -8.60 -14.27
C PRO A 356 -2.30 -9.09 -12.82
N ARG A 357 -1.20 -9.66 -12.36
CA ARG A 357 -1.10 -10.10 -10.97
C ARG A 357 -2.28 -10.95 -10.51
N GLY A 358 -2.69 -11.89 -11.37
CA GLY A 358 -3.75 -12.83 -11.00
C GLY A 358 -5.16 -12.40 -11.37
N SER A 359 -5.30 -11.24 -11.99
CA SER A 359 -6.61 -10.72 -12.35
C SER A 359 -6.91 -10.82 -13.86
N GLY A 360 -6.01 -11.46 -14.61
CA GLY A 360 -6.11 -11.52 -16.06
C GLY A 360 -7.39 -12.15 -16.56
N GLY A 361 -7.82 -13.21 -15.86
CA GLY A 361 -9.07 -13.86 -16.18
C GLY A 361 -8.98 -14.96 -17.23
N ALA A 362 -7.84 -15.10 -17.88
CA ALA A 362 -7.73 -16.13 -18.91
C ALA A 362 -7.19 -17.48 -18.38
N GLU A 363 -6.50 -17.45 -17.24
CA GLU A 363 -5.95 -18.68 -16.66
C GLU A 363 -5.75 -18.47 -15.15
N ALA A 364 -5.52 -19.55 -14.41
CA ALA A 364 -5.39 -19.43 -12.97
C ALA A 364 -4.17 -18.59 -12.65
N PRO A 365 -4.26 -17.81 -11.56
CA PRO A 365 -3.15 -16.94 -11.16
C PRO A 365 -1.81 -17.66 -11.15
N GLU A 366 -1.79 -18.92 -10.73
CA GLU A 366 -0.55 -19.69 -10.63
C GLU A 366 0.06 -19.93 -11.99
N GLU A 367 -0.76 -20.00 -13.03
CA GLU A 367 -0.24 -20.17 -14.39
C GLU A 367 0.05 -18.82 -15.05
N GLU A 368 -0.75 -17.82 -14.71
CA GLU A 368 -0.60 -16.50 -15.28
C GLU A 368 0.80 -15.96 -15.02
N ARG A 369 1.29 -16.16 -13.79
CA ARG A 369 2.57 -15.58 -13.40
C ARG A 369 3.78 -16.28 -14.03
N LYS A 370 3.57 -17.39 -14.73
CA LYS A 370 4.70 -18.09 -15.31
C LYS A 370 5.23 -17.34 -16.53
N HIS A 371 4.44 -16.41 -17.05
CA HIS A 371 4.85 -15.61 -18.21
C HIS A 371 5.75 -14.42 -17.86
N LEU A 372 5.83 -14.11 -16.55
CA LEU A 372 6.63 -13.00 -16.04
C LEU A 372 8.11 -13.29 -16.22
N MET A 373 8.91 -12.23 -16.29
CA MET A 373 10.29 -12.40 -16.66
C MET A 373 11.22 -11.38 -16.01
N ALA A 374 12.50 -11.74 -15.93
CA ALA A 374 13.56 -10.85 -15.48
C ALA A 374 13.92 -9.79 -16.53
N ARG A 375 13.67 -8.52 -16.21
CA ARG A 375 13.99 -7.42 -17.11
C ARG A 375 15.35 -6.83 -16.69
N ARG A 376 16.20 -6.57 -17.68
CA ARG A 376 17.54 -6.07 -17.41
C ARG A 376 17.92 -4.97 -18.38
N GLY A 377 16.93 -4.15 -18.79
CA GLY A 377 17.14 -3.14 -19.81
C GLY A 377 17.95 -1.95 -19.33
N GLN A 378 18.39 -1.13 -20.28
CA GLN A 378 19.04 0.13 -19.93
C GLN A 378 18.64 1.17 -20.94
N THR A 379 18.41 2.40 -20.48
CA THR A 379 18.09 3.50 -21.39
C THR A 379 19.27 3.88 -22.29
N TYR A 380 18.96 4.47 -23.44
CA TYR A 380 20.02 5.03 -24.27
C TYR A 380 19.68 6.44 -24.75
N GLY A 381 20.72 7.17 -25.13
CA GLY A 381 20.56 8.51 -25.66
C GLY A 381 20.94 9.58 -24.65
N ARG A 382 21.30 10.76 -25.14
CA ARG A 382 21.54 11.88 -24.25
C ARG A 382 20.53 12.97 -24.56
N ARG A 383 20.08 13.66 -23.52
CA ARG A 383 19.17 14.77 -23.71
C ARG A 383 19.61 15.94 -22.83
N HIS A 384 19.03 17.10 -23.08
CA HIS A 384 19.44 18.30 -22.37
C HIS A 384 18.34 18.79 -21.41
N ASP A 385 17.29 18.00 -21.28
CA ASP A 385 16.19 18.34 -20.40
C ASP A 385 16.00 17.31 -19.26
N ASP A 386 15.78 17.79 -18.05
CA ASP A 386 15.44 16.94 -16.91
C ASP A 386 14.11 16.27 -17.25
N PRO A 387 14.12 14.92 -17.35
CA PRO A 387 12.92 14.18 -17.79
C PRO A 387 11.72 14.37 -16.85
N ASN A 388 11.97 14.79 -15.62
CA ASN A 388 10.89 15.02 -14.66
C ASN A 388 10.59 16.49 -14.40
N ALA A 389 11.35 17.38 -15.04
CA ALA A 389 11.11 18.81 -14.94
C ALA A 389 9.73 19.15 -15.49
N ASP A 390 9.13 20.24 -15.00
CA ASP A 390 7.84 20.69 -15.53
C ASP A 390 8.06 21.51 -16.80
N LEU A 391 8.12 20.81 -17.94
CA LEU A 391 8.33 21.42 -19.25
C LEU A 391 7.24 21.02 -20.22
N PRO A 392 6.94 21.90 -21.18
CA PRO A 392 5.97 21.51 -22.21
C PRO A 392 6.55 20.47 -23.14
N PRO A 393 5.68 19.68 -23.78
CA PRO A 393 6.03 18.57 -24.67
C PRO A 393 7.07 18.96 -25.73
N ARG A 394 6.99 20.18 -26.25
CA ARG A 394 7.86 20.60 -27.34
C ARG A 394 9.34 20.60 -26.95
N LEU A 395 9.63 20.69 -25.65
CA LEU A 395 11.01 20.67 -25.21
C LEU A 395 11.55 19.25 -24.95
N ARG A 396 10.73 18.24 -25.16
CA ARG A 396 11.19 16.85 -25.03
C ARG A 396 11.74 16.29 -26.34
N PRO A 397 12.74 15.41 -26.26
CA PRO A 397 13.23 14.77 -27.48
C PRO A 397 12.11 13.97 -28.16
N ALA A 398 12.25 13.75 -29.46
CA ALA A 398 11.28 12.96 -30.21
C ALA A 398 11.91 11.68 -30.77
N LYS A 399 13.24 11.60 -30.75
CA LYS A 399 13.96 10.44 -31.30
C LYS A 399 15.36 10.29 -30.72
N ASP A 400 16.00 9.17 -31.03
CA ASP A 400 17.41 8.92 -30.70
C ASP A 400 17.70 8.82 -29.20
N VAL A 401 16.62 8.72 -28.42
CA VAL A 401 16.71 8.27 -27.04
C VAL A 401 15.68 7.15 -26.92
N GLY A 402 15.78 6.36 -25.85
CA GLY A 402 14.82 5.29 -25.64
C GLY A 402 15.35 4.19 -24.78
N LEU A 403 14.86 2.98 -25.02
CA LEU A 403 15.22 1.86 -24.16
C LEU A 403 15.90 0.72 -24.90
N LEU A 404 17.05 0.33 -24.37
CA LEU A 404 17.66 -0.92 -24.80
C LEU A 404 16.95 -2.00 -23.98
N PHE A 405 15.83 -2.50 -24.49
CA PHE A 405 15.08 -3.49 -23.73
C PHE A 405 15.85 -4.80 -23.67
N MET A 406 16.05 -5.33 -22.48
CA MET A 406 16.72 -6.62 -22.32
C MET A 406 15.98 -7.48 -21.29
N ALA A 407 15.94 -8.79 -21.53
CA ALA A 407 15.31 -9.73 -20.58
C ALA A 407 15.86 -11.14 -20.72
N PHE A 408 15.91 -11.86 -19.60
CA PHE A 408 16.22 -13.28 -19.62
C PHE A 408 14.93 -14.08 -19.49
N ASN A 409 14.79 -15.09 -20.34
CA ASN A 409 13.66 -16.02 -20.36
C ASN A 409 14.20 -17.45 -20.37
N SER A 410 13.48 -18.36 -19.72
CA SER A 410 13.76 -19.79 -19.91
C SER A 410 12.96 -20.32 -21.08
N ASN A 411 11.98 -19.55 -21.53
CA ASN A 411 11.11 -19.94 -22.65
C ASN A 411 10.63 -18.67 -23.33
N LEU A 412 11.28 -18.31 -24.44
CA LEU A 412 11.01 -17.05 -25.11
C LEU A 412 9.57 -16.94 -25.60
N GLY A 413 9.03 -18.04 -26.11
CA GLY A 413 7.67 -17.98 -26.63
C GLY A 413 6.68 -17.74 -25.50
N ASN A 414 6.98 -18.27 -24.32
CA ASN A 414 5.99 -18.25 -23.25
C ASN A 414 6.17 -17.06 -22.31
N GLN A 415 7.21 -16.26 -22.58
CA GLN A 415 7.57 -15.18 -21.67
C GLN A 415 7.62 -13.84 -22.41
N PHE A 416 8.76 -13.48 -23.02
CA PHE A 416 8.76 -12.20 -23.74
C PHE A 416 7.68 -12.15 -24.82
N GLU A 417 7.70 -13.14 -25.72
CA GLU A 417 6.75 -13.14 -26.84
C GLU A 417 5.30 -13.27 -26.44
N PHE A 418 5.02 -14.10 -25.43
CA PHE A 418 3.67 -14.19 -24.88
C PHE A 418 3.22 -12.80 -24.43
N THR A 419 4.05 -12.14 -23.63
CA THR A 419 3.70 -10.86 -23.01
C THR A 419 3.44 -9.79 -24.08
N GLN A 420 4.31 -9.75 -25.08
CA GLN A 420 4.20 -8.78 -26.17
C GLN A 420 3.01 -9.11 -27.07
N GLN A 421 2.90 -10.38 -27.45
CA GLN A 421 1.87 -10.79 -28.41
C GLN A 421 0.49 -11.00 -27.79
N ILE A 422 0.41 -11.89 -26.81
CA ILE A 422 -0.86 -12.37 -26.25
C ILE A 422 -1.45 -11.42 -25.21
N TRP A 423 -0.62 -10.54 -24.66
CA TRP A 423 -1.09 -9.58 -23.66
C TRP A 423 -1.07 -8.15 -24.22
N ALA A 424 0.12 -7.63 -24.45
CA ALA A 424 0.25 -6.22 -24.84
C ALA A 424 -0.51 -5.90 -26.14
N ASN A 425 -0.26 -6.69 -27.17
CA ASN A 425 -0.85 -6.45 -28.48
C ASN A 425 -2.31 -6.87 -28.56
N ASN A 426 -2.80 -7.53 -27.52
CA ASN A 426 -4.10 -8.16 -27.60
C ASN A 426 -5.19 -7.23 -27.08
N PRO A 427 -6.14 -6.87 -27.94
CA PRO A 427 -7.17 -5.91 -27.51
C PRO A 427 -8.08 -6.51 -26.47
N ALA A 428 -8.17 -7.84 -26.43
CA ALA A 428 -9.09 -8.52 -25.50
C ALA A 428 -8.58 -8.65 -24.05
N PHE A 429 -7.28 -8.45 -23.84
CA PHE A 429 -6.67 -8.79 -22.56
C PHE A 429 -6.27 -7.56 -21.79
N PRO A 430 -6.40 -7.61 -20.45
CA PRO A 430 -6.99 -8.73 -19.70
C PRO A 430 -8.53 -8.69 -19.73
N PHE A 431 -9.18 -9.73 -19.23
CA PHE A 431 -10.63 -9.85 -19.38
C PHE A 431 -11.35 -9.00 -18.34
N PRO A 432 -12.06 -7.95 -18.79
CA PRO A 432 -12.83 -7.21 -17.79
C PRO A 432 -14.07 -8.02 -17.41
N PRO A 433 -14.61 -7.80 -16.20
CA PRO A 433 -15.83 -8.52 -15.80
C PRO A 433 -17.01 -8.32 -16.78
N ASP A 434 -17.10 -7.18 -17.46
CA ASP A 434 -18.18 -6.96 -18.42
C ASP A 434 -17.95 -7.59 -19.81
N GLY A 435 -16.82 -8.30 -19.97
CA GLY A 435 -16.54 -9.00 -21.22
C GLY A 435 -16.10 -8.13 -22.40
N SER A 436 -15.91 -6.82 -22.14
CA SER A 436 -15.48 -5.90 -23.20
C SER A 436 -13.97 -5.99 -23.50
N GLN A 437 -13.54 -5.34 -24.58
CA GLN A 437 -12.13 -5.37 -24.98
C GLN A 437 -11.45 -4.06 -24.61
N PRO A 438 -10.51 -4.12 -23.66
CA PRO A 438 -9.87 -2.88 -23.20
C PRO A 438 -8.92 -2.26 -24.23
N GLY A 439 -8.49 -3.03 -25.23
CA GLY A 439 -7.61 -2.53 -26.25
C GLY A 439 -6.12 -2.76 -25.96
N LEU A 440 -5.28 -2.18 -26.81
CA LEU A 440 -3.84 -2.42 -26.76
C LEU A 440 -3.16 -1.66 -25.63
N ASP A 441 -2.11 -2.26 -25.11
CA ASP A 441 -1.15 -1.55 -24.28
C ASP A 441 -0.74 -0.27 -25.03
N PRO A 442 -0.92 0.88 -24.38
CA PRO A 442 -0.62 2.17 -25.04
C PRO A 442 0.88 2.47 -25.11
N VAL A 443 1.66 1.88 -24.22
CA VAL A 443 3.09 2.15 -24.20
C VAL A 443 3.88 1.29 -25.19
N ILE A 444 3.55 0.01 -25.26
CA ILE A 444 4.30 -0.89 -26.14
C ILE A 444 3.45 -1.69 -27.13
N GLY A 445 2.14 -1.47 -27.11
CA GLY A 445 1.24 -2.20 -28.00
C GLY A 445 1.53 -1.93 -29.48
N GLN A 446 1.51 -3.01 -30.29
CA GLN A 446 1.81 -2.90 -31.72
C GLN A 446 0.64 -3.40 -32.56
N GLY A 447 0.46 -2.78 -33.71
CA GLY A 447 -0.68 -3.05 -34.56
C GLY A 447 -1.68 -1.91 -34.51
N ALA A 448 -2.84 -2.14 -35.12
CA ALA A 448 -3.91 -1.13 -35.18
C ALA A 448 -4.41 -0.80 -33.76
N ARG A 449 -4.69 0.49 -33.53
CA ARG A 449 -5.14 0.98 -32.24
C ARG A 449 -6.48 1.69 -32.40
N ALA A 450 -7.25 1.77 -31.33
CA ALA A 450 -8.52 2.50 -31.37
C ALA A 450 -8.70 3.27 -30.06
N PRO A 451 -9.66 4.21 -30.00
CA PRO A 451 -9.84 4.93 -28.73
C PRO A 451 -10.20 3.95 -27.62
N GLN A 452 -9.80 4.26 -26.38
CA GLN A 452 -10.04 3.40 -25.22
C GLN A 452 -10.92 4.10 -24.18
N LYS A 453 -11.33 3.35 -23.17
CA LYS A 453 -12.17 3.90 -22.11
C LYS A 453 -11.39 4.08 -20.82
N TYR A 454 -11.70 5.15 -20.11
CA TYR A 454 -11.01 5.52 -18.89
C TYR A 454 -12.05 5.94 -17.87
N ALA A 455 -11.68 5.93 -16.60
CA ALA A 455 -12.53 6.45 -15.54
C ALA A 455 -11.99 7.80 -15.15
N PRO A 456 -12.71 8.87 -15.52
CA PRO A 456 -12.23 10.23 -15.23
C PRO A 456 -12.05 10.43 -13.73
N GLU A 457 -12.91 9.78 -12.93
CA GLU A 457 -12.89 9.98 -11.48
C GLU A 457 -12.41 8.72 -10.71
N TRP A 458 -11.25 8.85 -10.05
CA TRP A 458 -10.53 7.73 -9.47
C TRP A 458 -11.41 6.94 -8.51
N GLY A 459 -11.62 5.68 -8.83
CA GLY A 459 -12.38 4.82 -7.96
C GLY A 459 -13.90 4.87 -8.14
N HIS A 460 -14.38 5.61 -9.14
CA HIS A 460 -15.83 5.70 -9.40
C HIS A 460 -16.23 5.11 -10.74
N ASN A 461 -17.53 4.93 -10.96
CA ASN A 461 -18.02 4.21 -12.13
C ASN A 461 -18.23 5.09 -13.39
N ASN A 462 -17.96 6.38 -13.26
CA ASN A 462 -18.06 7.25 -14.43
C ASN A 462 -17.12 6.71 -15.50
N VAL A 463 -17.61 6.56 -16.72
CA VAL A 463 -16.74 6.10 -17.81
C VAL A 463 -16.81 7.02 -19.04
N ALA A 464 -15.66 7.22 -19.68
CA ALA A 464 -15.56 8.11 -20.83
C ALA A 464 -14.67 7.52 -21.90
N GLU A 465 -15.06 7.70 -23.16
CA GLU A 465 -14.26 7.20 -24.27
C GLU A 465 -13.47 8.36 -24.88
N ALA A 466 -12.15 8.24 -24.84
CA ALA A 466 -11.28 9.25 -25.41
C ALA A 466 -11.69 9.52 -26.85
N THR A 467 -11.34 10.71 -27.34
CA THR A 467 -11.64 11.08 -28.70
C THR A 467 -10.72 10.38 -29.72
N ASP A 468 -9.52 10.01 -29.28
CA ASP A 468 -8.58 9.32 -30.17
C ASP A 468 -7.82 8.19 -29.46
N PRO A 469 -7.24 7.28 -30.24
CA PRO A 469 -6.31 6.29 -29.70
C PRO A 469 -5.05 6.99 -29.21
N ILE A 470 -4.41 6.48 -28.16
CA ILE A 470 -3.13 7.00 -27.78
C ILE A 470 -2.14 6.69 -28.91
N PRO A 471 -1.43 7.73 -29.39
CA PRO A 471 -0.50 7.49 -30.50
C PRO A 471 0.65 6.59 -30.04
N GLN A 472 1.18 5.76 -30.95
CA GLN A 472 2.32 4.89 -30.65
C GLN A 472 3.60 5.71 -30.57
N ALA A 473 4.18 5.80 -29.36
CA ALA A 473 5.37 6.63 -29.15
C ALA A 473 6.64 5.80 -28.96
N VAL A 474 6.50 4.49 -29.07
CA VAL A 474 7.65 3.60 -28.97
C VAL A 474 7.86 2.84 -30.28
N THR A 475 9.07 2.90 -30.80
CA THR A 475 9.37 2.25 -32.08
C THR A 475 10.49 1.25 -31.98
N MET A 476 10.19 0.01 -32.39
CA MET A 476 11.19 -1.07 -32.43
C MET A 476 12.17 -0.81 -33.59
N LYS A 477 13.45 -0.65 -33.24
CA LYS A 477 14.48 -0.27 -34.22
C LYS A 477 15.32 -1.45 -34.68
N GLY A 478 15.09 -2.62 -34.08
CA GLY A 478 15.87 -3.80 -34.39
C GLY A 478 16.27 -4.52 -33.12
N GLY A 479 16.53 -5.82 -33.23
CA GLY A 479 16.87 -6.63 -32.08
C GLY A 479 17.16 -8.06 -32.49
N GLU A 480 17.51 -8.90 -31.51
CA GLU A 480 17.81 -10.32 -31.80
C GLU A 480 17.68 -11.18 -30.55
N TYR A 481 17.58 -12.50 -30.75
CA TYR A 481 17.53 -13.44 -29.63
C TYR A 481 18.86 -14.16 -29.45
N PHE A 482 19.25 -14.34 -28.20
CA PHE A 482 20.53 -14.97 -27.85
C PHE A 482 20.37 -15.99 -26.71
N PHE A 483 21.45 -16.67 -26.37
CA PHE A 483 21.48 -17.53 -25.21
C PHE A 483 22.77 -17.16 -24.47
N MET A 484 22.67 -16.85 -23.18
CA MET A 484 23.89 -16.76 -22.38
C MET A 484 24.21 -18.15 -21.85
N PRO A 485 25.28 -18.77 -22.38
CA PRO A 485 25.65 -20.11 -21.96
C PRO A 485 26.43 -20.10 -20.66
N SER A 486 26.64 -21.29 -20.11
CA SER A 486 27.36 -21.43 -18.86
C SER A 486 28.83 -21.10 -19.07
N LEU A 487 29.50 -20.71 -17.98
CA LEU A 487 30.94 -20.45 -18.04
C LEU A 487 31.76 -21.68 -18.45
N ALA A 488 31.39 -22.85 -17.94
CA ALA A 488 32.06 -24.09 -18.29
C ALA A 488 31.98 -24.38 -19.80
N PHE A 489 30.85 -24.02 -20.42
CA PHE A 489 30.77 -24.17 -21.87
C PHE A 489 31.80 -23.30 -22.56
N LEU A 490 31.85 -22.03 -22.14
CA LEU A 490 32.74 -21.07 -22.78
C LEU A 490 34.23 -21.48 -22.63
N ARG A 491 34.59 -21.99 -21.45
CA ARG A 491 35.96 -22.47 -21.21
C ARG A 491 36.25 -23.72 -22.06
N SER A 492 35.24 -24.53 -22.32
CA SER A 492 35.41 -25.81 -23.02
C SER A 492 35.64 -25.67 -24.53
N LEU A 493 35.53 -24.44 -25.04
CA LEU A 493 35.64 -24.21 -26.47
C LEU A 493 37.08 -24.25 -26.99
N PRO B 31 -34.45 -13.35 9.74
CA PRO B 31 -33.93 -13.27 11.12
C PRO B 31 -32.50 -12.71 11.15
N VAL B 32 -32.29 -11.68 11.94
CA VAL B 32 -30.99 -11.02 12.02
C VAL B 32 -29.87 -12.00 12.32
N ASP B 33 -28.92 -12.12 11.38
CA ASP B 33 -27.76 -12.97 11.59
C ASP B 33 -26.59 -12.17 12.16
N LEU B 34 -26.37 -12.27 13.47
CA LEU B 34 -25.38 -11.44 14.12
C LEU B 34 -23.98 -11.92 13.81
N SER B 35 -23.88 -13.09 13.19
CA SER B 35 -22.58 -13.71 12.99
C SER B 35 -21.87 -13.25 11.71
N THR B 36 -22.54 -12.45 10.90
CA THR B 36 -21.89 -11.88 9.74
C THR B 36 -22.21 -10.41 9.59
N THR B 37 -21.69 -9.83 8.50
CA THR B 37 -22.00 -8.48 8.08
C THR B 37 -23.42 -8.44 7.53
N LEU B 38 -23.88 -7.24 7.20
CA LEU B 38 -25.24 -7.03 6.70
C LEU B 38 -25.27 -6.10 5.49
N SER B 39 -26.04 -6.47 4.46
CA SER B 39 -26.29 -5.58 3.34
C SER B 39 -27.54 -4.79 3.64
N TRP B 40 -27.38 -3.53 4.00
CA TRP B 40 -28.54 -2.76 4.43
C TRP B 40 -29.53 -2.47 3.30
N LYS B 41 -29.04 -2.39 2.08
CA LYS B 41 -29.92 -2.05 0.97
C LYS B 41 -30.82 -3.23 0.58
N SER B 42 -30.34 -4.44 0.83
CA SER B 42 -31.07 -5.63 0.39
C SER B 42 -31.62 -6.41 1.59
N ALA B 43 -31.62 -5.77 2.74
CA ALA B 43 -32.18 -6.34 3.97
C ALA B 43 -33.69 -6.38 3.94
N THR B 44 -34.26 -7.50 4.37
CA THR B 44 -35.71 -7.59 4.50
C THR B 44 -36.07 -8.20 5.85
N GLY B 45 -37.38 -8.27 6.11
CA GLY B 45 -37.88 -8.95 7.28
C GLY B 45 -37.31 -8.47 8.61
N GLU B 46 -36.80 -9.41 9.40
CA GLU B 46 -36.32 -9.11 10.74
C GLU B 46 -35.19 -8.10 10.71
N ALA B 47 -34.29 -8.26 9.74
CA ALA B 47 -33.14 -7.37 9.62
C ALA B 47 -33.60 -5.99 9.20
N ALA B 48 -34.57 -5.92 8.30
CA ALA B 48 -35.08 -4.63 7.86
C ALA B 48 -35.64 -3.87 9.05
N THR B 49 -36.34 -4.61 9.93
CA THR B 49 -36.93 -4.02 11.11
C THR B 49 -35.83 -3.59 12.08
N MET B 50 -34.79 -4.41 12.21
CA MET B 50 -33.68 -4.05 13.08
C MET B 50 -33.15 -2.65 12.73
N LEU B 51 -32.94 -2.40 11.44
CA LEU B 51 -32.42 -1.11 10.97
C LEU B 51 -33.35 0.05 11.24
N ASP B 52 -34.65 -0.23 11.27
CA ASP B 52 -35.67 0.78 11.54
C ASP B 52 -35.72 1.21 12.99
N GLU B 53 -35.22 0.34 13.87
CA GLU B 53 -35.36 0.55 15.31
C GLU B 53 -34.03 0.86 16.02
N LEU B 54 -32.92 0.65 15.32
CA LEU B 54 -31.58 0.95 15.85
C LEU B 54 -31.30 2.43 15.69
N GLN B 55 -30.56 3.00 16.64
CA GLN B 55 -30.13 4.39 16.53
C GLN B 55 -29.05 4.52 15.44
N PRO B 56 -28.87 5.75 14.92
CA PRO B 56 -27.77 6.06 14.00
C PRO B 56 -26.44 6.15 14.76
N ASN B 57 -25.35 6.36 14.03
CA ASN B 57 -24.02 6.51 14.60
C ASN B 57 -23.40 5.21 15.11
N ILE B 58 -24.13 4.10 15.01
CA ILE B 58 -23.65 2.82 15.54
C ILE B 58 -23.08 1.90 14.45
N LEU B 59 -23.87 1.60 13.43
CA LEU B 59 -23.40 0.75 12.34
C LEU B 59 -22.52 1.54 11.38
N LYS B 60 -22.73 2.84 11.36
CA LYS B 60 -21.96 3.76 10.53
C LYS B 60 -21.91 5.08 11.27
N ALA B 61 -20.71 5.61 11.46
CA ALA B 61 -20.52 6.93 12.08
C ALA B 61 -21.45 7.97 11.48
N HIS B 62 -21.86 8.95 12.29
CA HIS B 62 -22.66 10.08 11.83
C HIS B 62 -21.81 11.36 11.86
N VAL B 63 -21.96 12.22 10.87
CA VAL B 63 -21.24 13.47 10.84
C VAL B 63 -21.55 14.23 12.13
N ARG B 64 -20.51 14.81 12.71
CA ARG B 64 -20.63 15.44 14.01
C ARG B 64 -19.49 16.44 14.22
N ASP B 65 -19.15 17.16 13.16
CA ASP B 65 -18.15 18.21 13.24
C ASP B 65 -18.56 19.26 14.29
N ARG B 66 -19.86 19.47 14.43
CA ARG B 66 -20.39 20.23 15.56
C ARG B 66 -21.12 19.25 16.46
N LEU B 67 -20.68 19.16 17.72
CA LEU B 67 -21.27 18.20 18.65
C LEU B 67 -21.55 18.80 20.02
N THR B 68 -22.74 18.50 20.54
CA THR B 68 -23.08 18.92 21.88
C THR B 68 -23.32 17.67 22.72
N VAL B 69 -22.62 17.57 23.83
CA VAL B 69 -22.84 16.44 24.73
C VAL B 69 -23.52 16.95 26.00
N LEU B 70 -24.61 16.29 26.38
CA LEU B 70 -25.41 16.67 27.53
C LEU B 70 -25.57 15.47 28.42
N PHE B 71 -25.11 15.58 29.67
CA PHE B 71 -25.29 14.52 30.63
C PHE B 71 -26.40 14.92 31.57
N LEU B 72 -27.25 13.97 31.91
CA LEU B 72 -28.49 14.26 32.62
C LEU B 72 -28.64 13.46 33.90
N GLY B 73 -29.36 14.06 34.85
CA GLY B 73 -29.81 13.34 36.03
C GLY B 73 -31.32 13.32 36.02
N PHE B 74 -31.89 12.21 36.47
CA PHE B 74 -33.34 12.06 36.45
C PHE B 74 -33.90 12.19 37.87
N GLY B 75 -34.61 13.29 38.12
CA GLY B 75 -35.22 13.53 39.42
C GLY B 75 -36.48 12.70 39.66
N ASP B 76 -37.27 12.48 38.60
CA ASP B 76 -38.55 11.79 38.71
C ASP B 76 -38.75 10.75 37.61
N ALA B 77 -39.07 9.52 38.02
CA ALA B 77 -39.20 8.41 37.09
C ALA B 77 -40.21 8.65 35.95
N ALA B 78 -41.42 9.07 36.30
CA ALA B 78 -42.50 9.24 35.33
C ALA B 78 -42.18 10.30 34.30
N GLU B 79 -41.55 11.38 34.76
CA GLU B 79 -41.23 12.49 33.89
C GLU B 79 -40.00 12.22 33.04
N ALA B 80 -39.14 11.35 33.54
CA ALA B 80 -37.98 10.89 32.80
C ALA B 80 -38.47 10.02 31.66
N ARG B 81 -39.35 9.06 31.97
CA ARG B 81 -39.93 8.19 30.95
C ARG B 81 -40.64 9.00 29.87
N THR B 82 -41.36 10.02 30.30
CA THR B 82 -42.10 10.91 29.41
C THR B 82 -41.15 11.79 28.59
N PHE B 83 -40.02 12.14 29.19
CA PHE B 83 -39.05 12.96 28.48
C PHE B 83 -38.38 12.18 27.34
N LEU B 84 -38.01 10.93 27.64
CA LEU B 84 -37.36 10.06 26.67
C LEU B 84 -38.33 9.72 25.55
N ASN B 85 -39.60 9.57 25.89
CA ASN B 85 -40.64 9.36 24.91
C ASN B 85 -40.72 10.55 23.95
N GLY B 86 -40.54 11.75 24.48
CA GLY B 86 -40.55 12.96 23.66
C GLY B 86 -39.37 12.97 22.72
N LEU B 87 -38.18 12.74 23.27
CA LEU B 87 -36.97 12.71 22.48
C LEU B 87 -37.08 11.77 21.30
N SER B 88 -37.65 10.58 21.50
CA SER B 88 -37.84 9.65 20.40
C SER B 88 -38.51 10.32 19.19
N GLY B 89 -39.55 11.11 19.45
CA GLY B 89 -40.23 11.82 18.38
C GLY B 89 -39.34 12.75 17.57
N LEU B 90 -38.13 12.99 18.07
CA LEU B 90 -37.18 13.90 17.43
C LEU B 90 -36.08 13.12 16.75
N MET B 91 -36.04 11.81 16.98
CA MET B 91 -34.93 11.00 16.53
C MET B 91 -35.14 10.44 15.13
N LYS B 92 -34.11 9.80 14.57
CA LYS B 92 -34.24 9.06 13.32
C LYS B 92 -33.57 7.71 13.46
N SER B 93 -33.95 6.78 12.61
CA SER B 93 -33.40 5.43 12.69
C SER B 93 -32.11 5.33 11.91
N ALA B 94 -31.49 4.16 12.01
CA ALA B 94 -30.27 3.87 11.28
C ALA B 94 -30.53 3.79 9.78
N ARG B 95 -31.71 3.35 9.37
CA ARG B 95 -32.03 3.30 7.95
C ARG B 95 -32.19 4.69 7.40
N THR B 96 -32.83 5.57 8.16
CA THR B 96 -33.06 6.93 7.72
C THR B 96 -31.73 7.61 7.50
N HIS B 97 -30.79 7.32 8.39
CA HIS B 97 -29.46 7.89 8.29
C HIS B 97 -28.73 7.34 7.06
N LEU B 98 -28.69 6.02 6.94
CA LEU B 98 -28.07 5.37 5.79
C LEU B 98 -28.58 5.96 4.47
N GLN B 99 -29.85 6.32 4.46
CA GLN B 99 -30.46 6.87 3.26
C GLN B 99 -30.05 8.32 3.05
N GLU B 100 -29.84 9.04 4.14
CA GLU B 100 -29.36 10.40 4.05
C GLU B 100 -27.93 10.40 3.51
N VAL B 101 -27.16 9.38 3.89
CA VAL B 101 -25.80 9.22 3.41
C VAL B 101 -25.83 8.94 1.91
N GLU B 102 -26.55 7.91 1.51
CA GLU B 102 -26.66 7.56 0.09
C GLU B 102 -27.15 8.74 -0.75
N ALA B 103 -28.13 9.49 -0.26
CA ALA B 103 -28.61 10.67 -0.97
C ALA B 103 -27.56 11.80 -0.98
N HIS B 104 -26.73 11.85 0.06
CA HIS B 104 -25.65 12.82 0.08
C HIS B 104 -24.64 12.53 -1.04
N LYS B 105 -24.47 11.26 -1.37
CA LYS B 105 -23.57 10.89 -2.45
C LYS B 105 -24.14 11.28 -3.82
N LEU B 106 -25.43 11.04 -4.02
CA LEU B 106 -26.03 11.31 -5.32
C LEU B 106 -26.22 12.81 -5.61
N THR B 107 -26.73 13.58 -4.64
CA THR B 107 -27.01 14.99 -4.92
C THR B 107 -26.36 15.93 -3.92
N LYS B 108 -25.64 15.36 -2.96
CA LYS B 108 -25.02 16.12 -1.87
C LYS B 108 -26.05 16.86 -1.05
N ALA B 109 -27.20 16.21 -0.85
CA ALA B 109 -28.29 16.73 -0.01
C ALA B 109 -27.90 16.75 1.45
N VAL B 110 -28.01 17.92 2.07
CA VAL B 110 -27.59 18.11 3.46
C VAL B 110 -27.80 16.90 4.37
N GLY B 111 -29.02 16.37 4.41
CA GLY B 111 -29.37 15.40 5.43
C GLY B 111 -29.65 16.12 6.74
N THR B 112 -30.05 15.38 7.76
CA THR B 112 -30.45 15.98 9.02
C THR B 112 -29.46 15.69 10.15
N PRO B 113 -29.62 16.40 11.28
CA PRO B 113 -28.79 16.28 12.49
C PRO B 113 -28.98 14.93 13.21
N TYR B 114 -28.07 14.65 14.13
CA TYR B 114 -28.08 13.41 14.87
C TYR B 114 -28.42 13.66 16.33
N LEU B 115 -29.41 12.93 16.82
CA LEU B 115 -29.73 12.89 18.23
C LEU B 115 -29.48 11.48 18.76
N GLY B 116 -28.41 11.31 19.54
CA GLY B 116 -28.12 10.03 20.16
C GLY B 116 -28.54 10.00 21.63
N VAL B 117 -29.06 8.86 22.09
CA VAL B 117 -29.55 8.76 23.47
C VAL B 117 -28.97 7.55 24.17
N GLY B 118 -28.25 7.81 25.26
CA GLY B 118 -27.66 6.76 26.06
C GLY B 118 -28.08 6.81 27.52
N LEU B 119 -28.20 5.65 28.15
CA LEU B 119 -28.67 5.54 29.52
C LEU B 119 -27.70 4.73 30.36
N THR B 120 -27.26 5.29 31.49
CA THR B 120 -26.40 4.54 32.40
C THR B 120 -27.22 3.52 33.18
N ALA B 121 -26.56 2.58 33.84
CA ALA B 121 -27.28 1.58 34.63
C ALA B 121 -28.14 2.25 35.72
N HIS B 122 -27.64 3.34 36.30
CA HIS B 122 -28.41 4.14 37.24
C HIS B 122 -29.67 4.65 36.58
N GLY B 123 -29.50 5.21 35.38
CA GLY B 123 -30.61 5.70 34.61
C GLY B 123 -31.69 4.63 34.54
N TYR B 124 -31.29 3.41 34.23
CA TYR B 124 -32.25 2.32 34.18
C TYR B 124 -32.99 2.19 35.51
N ALA B 125 -32.23 2.17 36.61
CA ALA B 125 -32.79 2.10 37.95
C ALA B 125 -33.86 3.17 38.16
N THR B 126 -33.46 4.41 37.89
CA THR B 126 -34.32 5.57 38.04
C THR B 126 -35.60 5.53 37.19
N LEU B 127 -35.61 4.68 36.17
CA LEU B 127 -36.79 4.52 35.33
C LEU B 127 -37.63 3.33 35.81
N GLY B 128 -37.07 2.57 36.75
CA GLY B 128 -37.71 1.33 37.16
C GLY B 128 -37.57 0.24 36.13
N VAL B 129 -36.60 0.40 35.24
CA VAL B 129 -36.39 -0.57 34.16
C VAL B 129 -35.19 -1.47 34.46
N THR B 130 -35.37 -2.77 34.27
CA THR B 130 -34.27 -3.72 34.42
C THR B 130 -33.14 -3.42 33.41
N ALA B 131 -31.96 -3.12 33.93
CA ALA B 131 -30.81 -2.70 33.12
C ALA B 131 -30.19 -3.84 32.34
N PRO B 132 -29.57 -3.51 31.20
CA PRO B 132 -28.77 -4.49 30.45
C PRO B 132 -27.66 -5.04 31.34
N ALA B 133 -27.25 -6.28 31.09
CA ALA B 133 -26.44 -7.02 32.06
C ALA B 133 -24.93 -6.98 31.89
N ASP B 134 -24.41 -6.15 31.00
CA ASP B 134 -22.95 -6.06 30.91
C ASP B 134 -22.39 -5.61 32.26
N PRO B 135 -21.56 -6.46 32.86
CA PRO B 135 -21.01 -6.27 34.22
C PRO B 135 -20.16 -5.02 34.35
N SER B 136 -19.53 -4.55 33.27
CA SER B 136 -18.75 -3.31 33.35
C SER B 136 -19.72 -2.13 33.29
N PHE B 137 -20.77 -2.28 32.49
CA PHE B 137 -21.79 -1.26 32.34
C PHE B 137 -22.54 -1.10 33.65
N THR B 138 -22.93 -2.23 34.24
CA THR B 138 -23.66 -2.18 35.50
C THR B 138 -22.85 -1.55 36.63
N ALA B 139 -21.59 -1.96 36.76
CA ALA B 139 -20.74 -1.38 37.82
C ALA B 139 -20.37 0.09 37.59
N GLY B 140 -20.37 0.53 36.34
CA GLY B 140 -20.09 1.92 36.03
C GLY B 140 -18.62 2.23 35.86
N ALA B 141 -18.31 3.28 35.12
CA ALA B 141 -16.93 3.64 34.84
C ALA B 141 -16.12 3.92 36.11
N LYS B 142 -16.77 4.57 37.08
CA LYS B 142 -16.09 4.87 38.34
C LYS B 142 -15.47 3.61 38.93
N ALA B 143 -16.15 2.49 38.75
CA ALA B 143 -15.68 1.21 39.28
C ALA B 143 -14.54 0.57 38.48
N ALA B 144 -14.19 1.16 37.33
CA ALA B 144 -13.16 0.55 36.50
C ALA B 144 -11.81 1.23 36.62
N VAL B 145 -11.72 2.26 37.45
CA VAL B 145 -10.48 3.06 37.52
C VAL B 145 -9.24 2.19 37.78
N GLU B 146 -9.43 1.18 38.64
CA GLU B 146 -8.34 0.32 39.10
C GLU B 146 -7.78 -0.56 37.97
N LYS B 147 -8.65 -1.22 37.23
CA LYS B 147 -8.15 -2.09 36.17
C LYS B 147 -7.74 -1.32 34.91
N LEU B 148 -8.04 -0.03 34.85
CA LEU B 148 -7.63 0.78 33.72
C LEU B 148 -6.47 1.72 34.08
N ALA B 149 -6.10 1.74 35.36
CA ALA B 149 -5.07 2.67 35.83
C ALA B 149 -5.43 4.11 35.50
N ASP B 150 -6.71 4.44 35.58
CA ASP B 150 -7.13 5.83 35.46
C ASP B 150 -6.72 6.57 36.72
N PRO B 151 -6.63 7.90 36.63
CA PRO B 151 -6.59 8.72 37.85
C PRO B 151 -7.84 8.50 38.69
N ALA B 152 -7.71 8.67 40.00
CA ALA B 152 -8.83 8.48 40.92
C ALA B 152 -10.02 9.33 40.48
N VAL B 153 -11.21 8.90 40.88
CA VAL B 153 -12.40 9.71 40.59
C VAL B 153 -12.24 11.12 41.14
N THR B 154 -11.53 11.26 42.26
CA THR B 154 -11.32 12.60 42.83
C THR B 154 -10.57 13.55 41.89
N GLU B 155 -9.82 12.99 40.94
CA GLU B 155 -9.03 13.79 40.00
C GLU B 155 -9.84 14.17 38.75
N TRP B 156 -10.99 13.52 38.57
CA TRP B 156 -11.84 13.80 37.41
C TRP B 156 -12.39 15.22 37.45
N GLU B 157 -12.83 15.74 36.31
CA GLU B 157 -13.47 17.06 36.29
C GLU B 157 -14.79 16.97 37.03
N GLY B 158 -15.14 18.03 37.75
CA GLY B 158 -16.29 18.04 38.63
C GLY B 158 -17.48 17.22 38.17
N HIS B 159 -18.02 17.54 36.99
CA HIS B 159 -19.28 16.92 36.58
C HIS B 159 -19.20 15.42 36.30
N TYR B 160 -18.01 14.90 36.01
CA TYR B 160 -17.84 13.44 35.89
C TYR B 160 -17.82 12.76 37.26
N GLN B 161 -17.66 13.53 38.32
CA GLN B 161 -17.66 12.95 39.66
C GLN B 161 -19.08 12.65 40.17
N GLN B 162 -20.09 12.95 39.37
CA GLN B 162 -21.45 12.70 39.80
C GLN B 162 -22.01 11.39 39.27
N THR B 163 -23.18 11.01 39.77
CA THR B 163 -23.94 9.93 39.15
C THR B 163 -24.69 10.51 37.98
N ILE B 164 -24.43 10.01 36.79
CA ILE B 164 -25.07 10.47 35.58
C ILE B 164 -26.12 9.45 35.20
N ASP B 165 -27.25 9.92 34.69
CA ASP B 165 -28.33 8.99 34.35
C ASP B 165 -28.41 8.71 32.85
N ALA B 166 -28.14 9.73 32.04
CA ALA B 166 -28.28 9.60 30.59
C ALA B 166 -27.40 10.61 29.84
N VAL B 167 -27.03 10.26 28.60
CA VAL B 167 -26.31 11.21 27.73
C VAL B 167 -27.10 11.53 26.46
N LEU B 168 -27.04 12.80 26.05
CA LEU B 168 -27.59 13.26 24.78
C LEU B 168 -26.45 13.73 23.89
N LEU B 169 -26.36 13.15 22.69
CA LEU B 169 -25.43 13.63 21.68
C LEU B 169 -26.21 14.40 20.63
N LEU B 170 -25.80 15.65 20.40
CA LEU B 170 -26.42 16.49 19.38
C LEU B 170 -25.37 16.86 18.33
N GLY B 171 -25.39 16.16 17.21
CA GLY B 171 -24.35 16.31 16.20
C GLY B 171 -24.79 16.77 14.81
N ASP B 172 -23.91 17.52 14.15
CA ASP B 172 -24.17 17.95 12.79
C ASP B 172 -22.90 18.51 12.15
N ALA B 173 -22.95 18.71 10.83
CA ALA B 173 -21.83 19.27 10.10
C ALA B 173 -21.57 20.70 10.52
N THR B 174 -22.63 21.39 10.94
CA THR B 174 -22.55 22.81 11.29
C THR B 174 -23.34 23.15 12.55
N ALA B 175 -23.08 24.34 13.10
CA ALA B 175 -23.64 24.74 14.39
C ALA B 175 -25.15 24.97 14.36
N GLY B 176 -25.61 25.79 13.42
CA GLY B 176 -27.01 26.17 13.34
C GLY B 176 -28.00 25.09 13.76
N PRO B 177 -28.04 23.99 13.00
CA PRO B 177 -28.90 22.82 13.24
C PRO B 177 -28.72 22.20 14.62
N VAL B 178 -27.50 22.23 15.15
CA VAL B 178 -27.28 21.75 16.51
C VAL B 178 -28.04 22.64 17.50
N ARG B 179 -27.87 23.95 17.36
CA ARG B 179 -28.59 24.92 18.18
C ARG B 179 -30.08 24.66 18.12
N THR B 180 -30.60 24.63 16.89
CA THR B 180 -32.01 24.39 16.68
C THR B 180 -32.46 23.17 17.47
N LEU B 181 -31.79 22.05 17.22
CA LEU B 181 -32.10 20.80 17.90
C LEU B 181 -32.02 20.93 19.42
N ARG B 182 -31.09 21.78 19.87
CA ARG B 182 -30.90 22.00 21.30
C ARG B 182 -32.14 22.65 21.92
N ARG B 183 -32.61 23.75 21.31
CA ARG B 183 -33.87 24.37 21.68
C ARG B 183 -35.01 23.36 21.76
N GLN B 184 -35.03 22.41 20.84
CA GLN B 184 -36.15 21.49 20.76
C GLN B 184 -36.09 20.49 21.89
N VAL B 185 -34.88 20.16 22.30
CA VAL B 185 -34.69 19.31 23.45
C VAL B 185 -35.06 20.05 24.74
N GLU B 186 -34.78 21.35 24.76
CA GLU B 186 -35.10 22.18 25.92
C GLU B 186 -36.62 22.27 26.15
N ALA B 187 -37.35 22.46 25.06
CA ALA B 187 -38.80 22.60 25.09
C ALA B 187 -39.50 21.32 25.54
N LEU B 188 -38.77 20.21 25.54
CA LEU B 188 -39.30 18.95 26.03
C LEU B 188 -38.92 18.69 27.48
N ARG B 189 -37.86 19.34 27.93
CA ARG B 189 -37.26 18.97 29.21
C ARG B 189 -37.99 19.52 30.43
N PRO B 190 -38.43 18.61 31.32
CA PRO B 190 -39.02 18.95 32.62
C PRO B 190 -37.92 19.33 33.61
N ALA B 191 -38.23 20.24 34.53
CA ALA B 191 -37.27 20.67 35.52
C ALA B 191 -36.65 19.49 36.27
N SER B 192 -37.42 18.41 36.46
CA SER B 192 -36.88 17.24 37.16
C SER B 192 -35.79 16.53 36.33
N VAL B 193 -35.63 16.96 35.08
CA VAL B 193 -34.54 16.46 34.24
C VAL B 193 -33.41 17.49 34.21
N THR B 194 -32.34 17.22 34.95
CA THR B 194 -31.29 18.23 35.03
C THR B 194 -30.08 17.94 34.14
N VAL B 195 -29.60 18.99 33.49
CA VAL B 195 -28.36 18.89 32.76
C VAL B 195 -27.24 19.12 33.75
N VAL B 196 -26.55 18.04 34.11
CA VAL B 196 -25.54 18.07 35.16
C VAL B 196 -24.14 18.27 34.61
N GLY B 197 -24.04 18.36 33.29
CA GLY B 197 -22.77 18.58 32.62
C GLY B 197 -22.92 18.65 31.11
N GLU B 198 -22.00 19.35 30.47
CA GLU B 198 -22.02 19.51 29.02
C GLU B 198 -20.61 19.54 28.42
N GLU B 199 -20.49 19.13 27.16
CA GLU B 199 -19.23 19.21 26.45
C GLU B 199 -19.48 19.65 25.02
N SER B 200 -18.48 20.30 24.44
CA SER B 200 -18.57 20.69 23.05
C SER B 200 -17.54 19.92 22.26
N GLY B 201 -17.99 19.27 21.19
CA GLY B 201 -17.11 18.61 20.25
C GLY B 201 -16.86 19.54 19.07
N LEU B 202 -15.62 19.56 18.58
CA LEU B 202 -15.27 20.47 17.50
C LEU B 202 -14.26 19.83 16.55
N GLY B 203 -14.75 19.38 15.40
CA GLY B 203 -13.90 18.68 14.44
C GLY B 203 -12.68 19.48 14.01
N LEU B 204 -11.55 18.80 13.86
CA LEU B 204 -10.37 19.40 13.26
C LEU B 204 -10.07 18.67 11.96
N ALA B 205 -9.64 19.42 10.95
CA ALA B 205 -9.31 18.81 9.66
C ALA B 205 -8.00 19.38 9.13
N ASN B 206 -7.17 18.52 8.52
CA ASN B 206 -5.99 19.00 7.82
C ASN B 206 -6.31 19.53 6.43
N ALA B 207 -5.30 20.09 5.77
CA ALA B 207 -5.42 20.65 4.43
C ALA B 207 -5.85 19.60 3.38
N ASN B 208 -5.44 18.34 3.59
CA ASN B 208 -5.91 17.29 2.71
C ASN B 208 -7.40 16.99 2.99
N GLY B 209 -7.95 17.63 4.01
CA GLY B 209 -9.35 17.45 4.34
C GLY B 209 -9.62 16.17 5.11
N ASP B 210 -8.59 15.63 5.76
CA ASP B 210 -8.78 14.50 6.65
C ASP B 210 -8.98 15.00 8.08
N GLY B 211 -9.81 14.30 8.85
CA GLY B 211 -9.95 14.58 10.26
C GLY B 211 -8.66 14.29 11.01
N ILE B 212 -8.31 15.19 11.93
CA ILE B 212 -7.16 14.96 12.80
C ILE B 212 -7.49 15.20 14.26
N GLU B 213 -6.64 14.68 15.14
CA GLU B 213 -6.74 15.00 16.54
C GLU B 213 -5.69 16.07 16.84
N HIS B 214 -5.55 16.45 18.11
CA HIS B 214 -4.76 17.61 18.50
C HIS B 214 -3.24 17.47 18.38
N PHE B 215 -2.71 16.25 18.51
CA PHE B 215 -1.30 16.03 18.27
C PHE B 215 -0.98 16.25 16.79
N GLY B 216 -2.02 16.32 15.96
CA GLY B 216 -1.84 16.59 14.54
C GLY B 216 -1.98 15.41 13.59
N TYR B 217 -2.39 14.26 14.10
CA TYR B 217 -2.46 13.07 13.25
C TYR B 217 -3.88 12.71 12.81
N VAL B 218 -4.02 12.37 11.54
CA VAL B 218 -5.27 11.81 11.04
C VAL B 218 -5.75 10.76 12.03
N ASP B 219 -7.01 10.87 12.47
CA ASP B 219 -7.54 9.90 13.44
C ASP B 219 -8.86 9.29 12.93
N GLY B 220 -9.21 8.12 13.43
CA GLY B 220 -10.42 7.44 12.95
C GLY B 220 -10.36 6.97 11.49
N ARG B 221 -9.16 6.67 10.98
CA ARG B 221 -9.08 6.12 9.63
C ARG B 221 -9.57 4.67 9.58
N SER B 222 -9.15 3.87 10.57
CA SER B 222 -9.41 2.43 10.54
C SER B 222 -10.59 2.06 11.41
N GLN B 223 -11.66 1.58 10.79
CA GLN B 223 -12.88 1.24 11.49
C GLN B 223 -13.35 -0.15 11.11
N PRO B 224 -13.95 -0.88 12.07
CA PRO B 224 -14.62 -2.12 11.70
C PRO B 224 -15.83 -1.78 10.84
N LEU B 225 -16.01 -2.50 9.75
CA LEU B 225 -17.14 -2.22 8.86
C LEU B 225 -18.16 -3.34 9.02
N PHE B 226 -19.39 -2.96 9.40
CA PHE B 226 -20.46 -3.91 9.70
C PHE B 226 -21.34 -4.16 8.50
N LEU B 227 -21.42 -3.17 7.62
CA LEU B 227 -22.30 -3.20 6.45
C LEU B 227 -21.51 -3.62 5.20
N THR B 228 -22.12 -4.45 4.35
CA THR B 228 -21.46 -4.88 3.12
C THR B 228 -21.19 -3.70 2.21
N GLU B 229 -22.13 -2.75 2.22
CA GLU B 229 -22.04 -1.53 1.45
C GLU B 229 -20.85 -0.64 1.81
N ASP B 230 -20.45 -0.65 3.08
CA ASP B 230 -19.25 0.09 3.51
C ASP B 230 -18.02 -0.69 3.06
N VAL B 231 -18.09 -2.01 3.15
CA VAL B 231 -16.96 -2.81 2.75
C VAL B 231 -16.70 -2.57 1.25
N ASP B 232 -17.77 -2.42 0.48
CA ASP B 232 -17.63 -2.23 -0.97
C ASP B 232 -16.96 -0.89 -1.22
N ALA B 233 -17.48 0.13 -0.55
CA ALA B 233 -16.95 1.47 -0.70
C ALA B 233 -15.48 1.54 -0.29
N GLU B 234 -15.11 0.78 0.73
CA GLU B 234 -13.71 0.72 1.14
C GLU B 234 -12.87 0.08 0.03
N ARG B 235 -13.37 -1.00 -0.56
CA ARG B 235 -12.64 -1.69 -1.63
C ARG B 235 -12.55 -0.83 -2.90
N ASP B 236 -13.64 -0.13 -3.22
CA ASP B 236 -13.76 0.62 -4.47
C ASP B 236 -13.02 1.96 -4.49
N THR B 237 -12.96 2.61 -3.32
CA THR B 237 -12.55 4.01 -3.26
C THR B 237 -11.37 4.27 -2.34
N THR B 238 -10.79 3.23 -1.75
CA THR B 238 -9.53 3.43 -1.02
C THR B 238 -8.43 2.57 -1.61
N ASP B 239 -7.33 2.44 -0.87
CA ASP B 239 -6.24 1.61 -1.36
C ASP B 239 -6.72 0.17 -1.58
N GLY B 240 -7.70 -0.28 -0.79
CA GLY B 240 -8.29 -1.59 -1.00
C GLY B 240 -8.54 -2.39 0.27
N VAL B 241 -8.89 -3.67 0.10
CA VAL B 241 -9.06 -4.57 1.23
C VAL B 241 -8.37 -5.92 1.02
N ASN B 242 -7.21 -5.89 0.34
CA ASN B 242 -6.48 -7.12 -0.01
C ASN B 242 -5.60 -7.69 1.10
N ASP B 243 -5.13 -6.83 1.99
CA ASP B 243 -4.19 -7.22 3.04
C ASP B 243 -4.97 -7.24 4.36
N TRP B 244 -5.73 -6.17 4.58
CA TRP B 244 -6.57 -6.04 5.78
C TRP B 244 -8.06 -6.04 5.41
N ASP B 245 -8.77 -7.05 5.90
CA ASP B 245 -10.22 -7.08 5.75
C ASP B 245 -10.83 -6.44 6.98
N PRO B 246 -11.45 -5.27 6.81
CA PRO B 246 -12.09 -4.53 7.90
C PRO B 246 -13.50 -5.07 8.23
N SER B 247 -13.92 -6.13 7.56
CA SER B 247 -15.27 -6.67 7.79
C SER B 247 -15.42 -7.03 9.26
N ALA B 248 -16.62 -6.84 9.79
CA ALA B 248 -16.93 -7.21 11.17
C ALA B 248 -18.41 -7.56 11.31
N PRO B 249 -18.70 -8.68 11.98
CA PRO B 249 -20.05 -9.18 12.22
C PRO B 249 -20.87 -8.29 13.15
N LEU B 250 -22.18 -8.21 12.93
CA LEU B 250 -23.03 -7.32 13.72
C LEU B 250 -22.83 -7.52 15.23
N GLU B 251 -22.54 -8.75 15.62
CA GLU B 251 -22.38 -9.12 17.02
C GLU B 251 -21.15 -8.46 17.65
N GLN B 252 -20.43 -7.68 16.85
CA GLN B 252 -19.24 -7.02 17.35
C GLN B 252 -19.59 -5.61 17.85
N VAL B 253 -20.86 -5.26 17.73
CA VAL B 253 -21.32 -3.94 18.15
C VAL B 253 -22.79 -3.93 18.59
N LEU B 254 -23.56 -4.90 18.09
CA LEU B 254 -25.01 -4.91 18.34
C LEU B 254 -25.39 -5.78 19.53
N VAL B 255 -26.33 -5.28 20.32
CA VAL B 255 -26.82 -6.04 21.46
C VAL B 255 -28.33 -6.07 21.47
N PRO B 256 -28.91 -7.26 21.70
CA PRO B 256 -30.36 -7.31 21.88
C PRO B 256 -30.77 -6.37 23.01
N ASP B 257 -31.65 -5.42 22.72
CA ASP B 257 -32.14 -4.48 23.72
C ASP B 257 -33.10 -5.19 24.69
N PRO B 258 -32.58 -5.55 25.89
CA PRO B 258 -33.26 -6.52 26.76
C PRO B 258 -34.56 -5.98 27.34
N ALA B 259 -34.71 -4.66 27.34
CA ALA B 259 -35.89 -4.02 27.93
C ALA B 259 -36.91 -3.65 26.87
N ALA B 260 -36.53 -3.82 25.60
CA ALA B 260 -37.41 -3.46 24.50
C ALA B 260 -38.50 -4.50 24.30
N PRO B 261 -39.59 -4.09 23.63
CA PRO B 261 -40.74 -4.97 23.36
C PRO B 261 -40.33 -6.29 22.69
N ASP B 262 -39.40 -6.24 21.74
CA ASP B 262 -39.00 -7.44 21.01
C ASP B 262 -37.50 -7.45 20.75
N PRO B 263 -36.72 -7.96 21.71
CA PRO B 263 -35.25 -8.01 21.62
C PRO B 263 -34.73 -8.86 20.45
N THR B 264 -35.60 -9.38 19.61
CA THR B 264 -35.14 -10.19 18.48
C THR B 264 -34.98 -9.31 17.25
N VAL B 265 -35.59 -8.13 17.30
CA VAL B 265 -35.45 -7.15 16.23
C VAL B 265 -35.14 -5.77 16.80
N HIS B 266 -35.08 -5.68 18.11
CA HIS B 266 -34.88 -4.39 18.78
C HIS B 266 -33.50 -4.34 19.40
N PHE B 267 -32.62 -3.52 18.83
CA PHE B 267 -31.21 -3.56 19.24
C PHE B 267 -30.63 -2.25 19.68
N GLY B 268 -29.57 -2.36 20.50
CA GLY B 268 -28.80 -1.21 20.94
C GLY B 268 -27.34 -1.61 21.11
N SER B 269 -26.53 -0.68 21.64
CA SER B 269 -25.12 -0.95 21.86
C SER B 269 -24.58 -0.21 23.07
N TYR B 270 -23.66 -0.84 23.79
CA TYR B 270 -22.96 -0.18 24.90
C TYR B 270 -22.03 0.90 24.37
N PHE B 271 -21.80 1.91 25.21
CA PHE B 271 -21.20 3.16 24.74
C PHE B 271 -20.21 3.68 25.77
N VAL B 272 -18.94 3.77 25.37
CA VAL B 272 -17.91 4.36 26.20
C VAL B 272 -17.78 5.86 25.91
N PHE B 273 -17.70 6.64 26.98
CA PHE B 273 -17.36 8.04 26.88
C PHE B 273 -16.23 8.37 27.86
N ARG B 274 -15.12 8.90 27.34
CA ARG B 274 -14.02 9.36 28.18
C ARG B 274 -13.45 10.68 27.67
N LYS B 275 -13.44 11.69 28.54
CA LYS B 275 -12.78 12.94 28.21
C LYS B 275 -11.27 12.79 28.40
N LEU B 276 -10.54 12.82 27.28
CA LEU B 276 -9.10 12.61 27.30
C LEU B 276 -8.38 13.90 26.92
N GLU B 277 -7.83 14.60 27.92
CA GLU B 277 -7.13 15.85 27.65
C GLU B 277 -5.78 15.58 26.99
N GLN B 278 -5.37 16.49 26.12
CA GLN B 278 -4.14 16.30 25.36
C GLN B 278 -3.13 17.40 25.62
N ASN B 279 -1.95 17.02 26.11
CA ASN B 279 -0.89 17.99 26.26
C ASN B 279 -0.04 18.06 25.00
N VAL B 280 -0.43 18.93 24.08
CA VAL B 280 0.22 19.01 22.78
C VAL B 280 1.68 19.46 22.90
N ARG B 281 1.94 20.48 23.71
CA ARG B 281 3.32 20.92 23.90
C ARG B 281 4.18 19.77 24.43
N LEU B 282 3.70 19.04 25.42
CA LEU B 282 4.48 17.92 25.96
C LEU B 282 4.72 16.82 24.92
N PHE B 283 3.67 16.46 24.18
CA PHE B 283 3.78 15.49 23.11
C PHE B 283 4.78 15.94 22.05
N LYS B 284 4.69 17.19 21.63
CA LYS B 284 5.60 17.67 20.60
C LYS B 284 7.00 17.72 21.14
N GLU B 285 7.14 17.98 22.43
CA GLU B 285 8.45 17.95 23.05
C GLU B 285 9.00 16.53 23.04
N ALA B 286 8.11 15.56 23.24
CA ALA B 286 8.52 14.16 23.24
C ALA B 286 8.99 13.73 21.86
N GLU B 287 8.24 14.09 20.83
CA GLU B 287 8.65 13.86 19.45
C GLU B 287 10.10 14.34 19.25
N ARG B 288 10.38 15.55 19.72
CA ARG B 288 11.64 16.20 19.45
C ARG B 288 12.80 15.54 20.20
N ASP B 289 12.59 15.22 21.47
CA ASP B 289 13.62 14.53 22.25
C ASP B 289 13.90 13.15 21.70
N LEU B 290 12.84 12.47 21.24
CA LEU B 290 13.00 11.12 20.69
C LEU B 290 13.81 11.18 19.41
N ALA B 291 13.41 12.05 18.50
CA ALA B 291 14.17 12.26 17.27
C ALA B 291 15.63 12.37 17.64
N HIS B 292 15.96 13.34 18.48
CA HIS B 292 17.33 13.57 18.93
C HIS B 292 18.01 12.32 19.47
N ASP B 293 17.38 11.66 20.45
CA ASP B 293 17.89 10.41 20.99
C ASP B 293 18.36 9.45 19.90
N LEU B 294 17.55 9.29 18.87
CA LEU B 294 17.81 8.34 17.78
C LEU B 294 18.72 8.92 16.70
N GLY B 295 19.11 10.18 16.88
CA GLY B 295 20.01 10.82 15.95
C GLY B 295 19.39 10.96 14.58
N LEU B 296 18.07 11.13 14.55
CA LEU B 296 17.39 11.43 13.30
C LEU B 296 17.75 12.85 12.90
N ARG B 297 17.68 13.15 11.61
CA ARG B 297 18.08 14.46 11.11
C ARG B 297 17.19 14.95 9.95
N GLY B 298 17.06 16.26 9.82
CA GLY B 298 16.28 16.85 8.76
C GLY B 298 14.82 16.45 8.85
N GLU B 299 14.17 16.29 7.71
CA GLU B 299 12.74 15.98 7.71
C GLU B 299 12.43 14.60 8.33
N ASP B 300 13.39 13.68 8.28
CA ASP B 300 13.23 12.34 8.84
C ASP B 300 12.99 12.41 10.34
N ARG B 301 13.18 13.59 10.93
CA ARG B 301 12.88 13.78 12.34
C ARG B 301 11.41 13.49 12.63
N GLU B 302 10.55 13.74 11.64
CA GLU B 302 9.11 13.49 11.78
C GLU B 302 8.78 12.02 12.05
N ARG B 303 9.72 11.13 11.76
CA ARG B 303 9.45 9.69 11.91
C ARG B 303 9.36 9.29 13.38
N ALA B 304 9.90 10.13 14.25
CA ALA B 304 9.85 9.86 15.68
C ALA B 304 8.40 9.92 16.17
N GLY B 305 7.65 10.89 15.68
CA GLY B 305 6.24 10.99 16.00
C GLY B 305 5.48 9.81 15.39
N ALA B 306 5.89 9.39 14.20
CA ALA B 306 5.22 8.27 13.55
C ALA B 306 5.49 6.96 14.27
N MET B 307 6.63 6.88 14.97
CA MET B 307 6.91 5.67 15.76
C MET B 307 5.98 5.59 16.99
N LEU B 308 5.48 6.74 17.44
CA LEU B 308 4.63 6.74 18.62
C LEU B 308 3.20 6.37 18.24
N VAL B 309 2.74 6.91 17.12
CA VAL B 309 1.40 6.67 16.64
C VAL B 309 1.27 5.42 15.77
N GLY B 310 2.21 5.23 14.85
CA GLY B 310 2.18 4.11 13.92
C GLY B 310 1.83 4.62 12.53
N ARG B 311 1.55 5.91 12.46
CA ARG B 311 1.28 6.60 11.20
C ARG B 311 1.97 7.95 11.27
N PHE B 312 2.39 8.48 10.13
CA PHE B 312 2.80 9.88 10.07
C PHE B 312 1.55 10.76 10.23
N GLU B 313 1.75 12.05 10.50
CA GLU B 313 0.61 12.95 10.67
C GLU B 313 -0.38 12.93 9.49
N ASP B 314 0.04 12.42 8.33
CA ASP B 314 -0.75 12.61 7.11
C ASP B 314 -1.83 11.61 6.63
N GLY B 315 -2.02 10.39 7.16
CA GLY B 315 -1.14 9.65 8.04
C GLY B 315 -0.80 8.31 7.34
N THR B 316 0.26 8.41 6.57
CA THR B 316 0.94 7.29 5.97
C THR B 316 1.26 6.22 7.02
N PRO B 317 0.98 4.95 6.71
CA PRO B 317 1.30 3.85 7.63
C PRO B 317 2.82 3.61 7.75
N LEU B 318 3.36 3.66 8.98
CA LEU B 318 4.80 3.51 9.19
C LEU B 318 5.34 2.15 8.72
N THR B 319 4.52 1.12 8.77
CA THR B 319 4.98 -0.21 8.40
C THR B 319 5.15 -0.29 6.89
N ALA B 320 4.57 0.68 6.18
CA ALA B 320 4.54 0.67 4.72
C ALA B 320 5.51 1.66 4.08
N GLN B 321 5.74 2.79 4.76
CA GLN B 321 6.58 3.87 4.26
C GLN B 321 7.45 4.45 5.38
N SER B 322 8.58 5.05 5.01
CA SER B 322 9.50 5.64 5.98
C SER B 322 9.38 7.16 6.02
N ALA B 323 8.48 7.71 5.20
CA ALA B 323 8.22 9.14 5.14
C ALA B 323 6.76 9.36 4.72
N PRO B 324 6.18 10.51 5.11
CA PRO B 324 4.81 10.86 4.74
C PRO B 324 4.68 11.02 3.22
N GLY B 325 3.47 11.25 2.74
CA GLY B 325 3.23 11.41 1.31
C GLY B 325 2.05 10.62 0.77
N SER B 326 1.75 9.47 1.38
CA SER B 326 0.66 8.61 0.90
C SER B 326 -0.69 8.99 1.47
N HIS B 327 -1.24 10.12 1.06
CA HIS B 327 -2.54 10.51 1.56
C HIS B 327 -3.53 10.76 0.42
N HIS B 328 -3.45 9.91 -0.61
CA HIS B 328 -4.36 10.05 -1.76
C HIS B 328 -5.03 8.73 -2.16
N PRO B 329 -5.93 8.21 -1.32
CA PRO B 329 -6.30 8.76 -0.03
C PRO B 329 -5.43 8.11 1.04
N VAL B 330 -5.61 8.51 2.29
CA VAL B 330 -4.99 7.81 3.40
C VAL B 330 -5.39 6.33 3.37
N GLY B 331 -4.41 5.45 3.49
CA GLY B 331 -4.66 4.04 3.31
C GLY B 331 -4.93 3.28 4.59
N ASN B 332 -5.48 2.09 4.45
CA ASN B 332 -5.67 1.17 5.55
C ASN B 332 -5.43 -0.28 5.17
N ASP B 333 -5.03 -0.52 3.93
CA ASP B 333 -4.88 -1.89 3.43
C ASP B 333 -3.48 -2.44 3.69
N PHE B 334 -3.18 -2.69 4.96
CA PHE B 334 -1.87 -3.19 5.36
C PHE B 334 -1.97 -4.12 6.57
N SER B 335 -0.93 -4.91 6.79
CA SER B 335 -0.81 -5.75 7.96
C SER B 335 0.63 -5.59 8.43
N TYR B 336 1.03 -6.32 9.46
CA TYR B 336 2.42 -6.31 9.91
C TYR B 336 3.14 -7.61 9.56
N ASP B 337 2.57 -8.38 8.63
CA ASP B 337 3.16 -9.66 8.20
C ASP B 337 4.51 -9.53 7.46
N SER B 338 4.86 -8.32 7.02
CA SER B 338 6.20 -8.04 6.51
C SER B 338 6.94 -7.11 7.46
N ASP B 339 6.46 -7.03 8.70
CA ASP B 339 7.05 -6.18 9.73
C ASP B 339 7.11 -6.94 11.06
N LYS B 340 7.26 -8.26 10.98
CA LYS B 340 7.24 -9.12 12.16
C LYS B 340 8.29 -8.77 13.23
N LEU B 341 9.37 -8.10 12.84
CA LEU B 341 10.40 -7.69 13.79
C LEU B 341 10.25 -6.22 14.22
N GLY B 342 9.18 -5.58 13.75
CA GLY B 342 8.94 -4.19 14.11
C GLY B 342 10.08 -3.25 13.78
N GLN B 343 10.77 -3.49 12.68
CA GLN B 343 11.85 -2.58 12.25
C GLN B 343 11.34 -1.43 11.39
N LYS B 344 10.10 -1.54 10.96
CA LYS B 344 9.46 -0.43 10.26
C LYS B 344 8.54 0.27 11.25
N CYS B 345 7.43 -0.39 11.57
CA CYS B 345 6.56 0.07 12.66
C CYS B 345 6.84 -0.70 13.95
N PRO B 346 7.22 0.03 15.01
CA PRO B 346 7.63 -0.51 16.30
C PRO B 346 6.45 -1.26 16.93
N PHE B 347 6.73 -2.29 17.71
CA PHE B 347 5.68 -3.06 18.37
C PHE B 347 4.75 -2.20 19.23
N HIS B 348 5.28 -1.12 19.78
CA HIS B 348 4.56 -0.31 20.76
C HIS B 348 3.89 0.94 20.17
N ALA B 349 3.94 1.12 18.86
CA ALA B 349 3.16 2.18 18.22
C ALA B 349 1.69 2.02 18.59
N HIS B 350 1.01 3.14 18.87
CA HIS B 350 -0.40 3.14 19.29
C HIS B 350 -1.30 2.26 18.42
N ILE B 351 -1.22 2.41 17.08
CA ILE B 351 -2.13 1.63 16.25
C ILE B 351 -1.82 0.13 16.26
N ARG B 352 -0.55 -0.20 16.47
CA ARG B 352 -0.12 -1.61 16.49
C ARG B 352 -0.44 -2.24 17.87
N LYS B 353 -0.42 -1.42 18.91
CA LYS B 353 -0.81 -1.85 20.24
C LYS B 353 -2.29 -2.18 20.29
N THR B 354 -3.08 -1.30 19.72
CA THR B 354 -4.53 -1.42 19.74
C THR B 354 -5.11 -2.26 18.57
N ASN B 355 -4.25 -2.66 17.65
CA ASN B 355 -4.67 -3.56 16.55
C ASN B 355 -3.44 -4.14 15.86
N PRO B 356 -2.91 -5.24 16.40
CA PRO B 356 -1.75 -5.95 15.88
C PRO B 356 -2.08 -6.59 14.55
N ARG B 357 -3.35 -6.46 14.14
CA ARG B 357 -3.85 -7.00 12.89
C ARG B 357 -3.41 -8.44 12.67
N GLY B 358 -3.50 -9.26 13.72
CA GLY B 358 -3.22 -10.69 13.60
C GLY B 358 -1.78 -11.05 13.92
N SER B 359 -1.01 -10.09 14.42
CA SER B 359 0.39 -10.31 14.72
C SER B 359 0.67 -10.21 16.22
N GLY B 360 -0.39 -10.19 17.03
CA GLY B 360 -0.24 -10.02 18.46
C GLY B 360 0.52 -11.13 19.15
N GLY B 361 0.38 -12.35 18.64
CA GLY B 361 1.04 -13.51 19.20
C GLY B 361 0.30 -14.18 20.35
N ALA B 362 -0.65 -13.46 20.96
CA ALA B 362 -1.35 -14.03 22.12
C ALA B 362 -2.47 -14.99 21.72
N GLU B 363 -3.15 -14.72 20.61
CA GLU B 363 -4.24 -15.60 20.20
C GLU B 363 -4.42 -15.64 18.69
N ALA B 364 -5.19 -16.62 18.23
CA ALA B 364 -5.56 -16.73 16.83
C ALA B 364 -6.02 -15.38 16.27
N PRO B 365 -5.60 -15.06 15.03
CA PRO B 365 -5.98 -13.77 14.44
C PRO B 365 -7.49 -13.58 14.40
N GLU B 366 -8.24 -14.65 14.15
CA GLU B 366 -9.70 -14.56 14.04
C GLU B 366 -10.31 -14.18 15.38
N GLU B 367 -9.61 -14.54 16.46
CA GLU B 367 -10.05 -14.18 17.81
C GLU B 367 -9.57 -12.79 18.19
N GLU B 368 -8.36 -12.47 17.74
CA GLU B 368 -7.71 -11.23 18.11
C GLU B 368 -8.56 -10.04 17.67
N ARG B 369 -9.16 -10.15 16.49
CA ARG B 369 -9.90 -9.02 15.93
C ARG B 369 -11.25 -8.80 16.62
N LYS B 370 -11.69 -9.76 17.43
CA LYS B 370 -12.98 -9.61 18.13
C LYS B 370 -12.93 -8.52 19.20
N HIS B 371 -11.73 -8.04 19.53
CA HIS B 371 -11.57 -6.98 20.54
C HIS B 371 -11.70 -5.58 19.94
N LEU B 372 -11.64 -5.49 18.61
CA LEU B 372 -11.69 -4.20 17.93
C LEU B 372 -13.10 -3.61 18.02
N MET B 373 -13.23 -2.32 17.74
CA MET B 373 -14.47 -1.62 18.05
C MET B 373 -14.69 -0.44 17.12
N ALA B 374 -15.93 0.01 17.05
CA ALA B 374 -16.27 1.22 16.33
C ALA B 374 -15.93 2.44 17.18
N ARG B 375 -15.07 3.32 16.67
CA ARG B 375 -14.70 4.53 17.39
C ARG B 375 -15.50 5.71 16.82
N ARG B 376 -16.05 6.54 17.70
CA ARG B 376 -16.90 7.64 17.27
C ARG B 376 -16.53 8.92 17.99
N GLY B 377 -15.29 8.98 18.48
CA GLY B 377 -14.83 10.16 19.18
C GLY B 377 -14.90 11.42 18.35
N GLN B 378 -14.71 12.55 19.03
CA GLN B 378 -14.59 13.86 18.41
C GLN B 378 -13.69 14.74 19.30
N THR B 379 -12.85 15.57 18.68
CA THR B 379 -11.97 16.45 19.46
C THR B 379 -12.72 17.61 20.13
N TYR B 380 -12.10 18.18 21.15
CA TYR B 380 -12.70 19.28 21.88
C TYR B 380 -11.67 20.36 22.11
N GLY B 381 -12.14 21.59 22.28
CA GLY B 381 -11.29 22.74 22.51
C GLY B 381 -11.00 23.55 21.25
N ARG B 382 -10.70 24.83 21.43
CA ARG B 382 -10.24 25.65 20.31
C ARG B 382 -8.77 25.93 20.51
N ARG B 383 -8.10 26.37 19.46
CA ARG B 383 -6.70 26.77 19.56
C ARG B 383 -6.33 27.78 18.48
N HIS B 384 -5.37 28.64 18.78
CA HIS B 384 -5.00 29.73 17.89
C HIS B 384 -3.95 29.32 16.86
N ASP B 385 -3.56 28.05 16.89
CA ASP B 385 -2.50 27.55 16.02
C ASP B 385 -2.94 26.36 15.17
N ASP B 386 -2.55 26.38 13.89
CA ASP B 386 -2.73 25.23 13.00
C ASP B 386 -1.86 24.07 13.49
N PRO B 387 -2.52 22.95 13.88
CA PRO B 387 -1.88 21.77 14.48
C PRO B 387 -0.83 21.08 13.59
N ASN B 388 -0.75 21.45 12.31
CA ASN B 388 0.27 20.85 11.43
C ASN B 388 1.35 21.83 10.99
N ALA B 389 1.10 23.12 11.20
CA ALA B 389 2.10 24.14 10.94
C ALA B 389 3.37 23.83 11.73
N ASP B 390 4.53 24.08 11.12
CA ASP B 390 5.76 23.94 11.86
C ASP B 390 5.81 25.05 12.90
N LEU B 391 5.77 24.68 14.17
CA LEU B 391 5.79 25.65 15.26
C LEU B 391 6.42 25.04 16.49
N PRO B 392 7.26 25.82 17.19
CA PRO B 392 7.88 25.32 18.41
C PRO B 392 6.83 24.72 19.36
N PRO B 393 7.21 23.63 20.04
CA PRO B 393 6.33 22.96 21.00
C PRO B 393 5.75 23.96 22.01
N ARG B 394 6.58 24.85 22.51
CA ARG B 394 6.16 25.82 23.54
C ARG B 394 4.88 26.56 23.16
N LEU B 395 4.62 26.67 21.86
CA LEU B 395 3.45 27.42 21.38
C LEU B 395 2.20 26.55 21.21
N ARG B 396 2.32 25.26 21.50
CA ARG B 396 1.15 24.38 21.46
C ARG B 396 0.47 24.42 22.82
N PRO B 397 -0.83 24.14 22.86
CA PRO B 397 -1.57 24.12 24.12
C PRO B 397 -1.14 22.93 24.97
N ALA B 398 -1.23 23.07 26.28
CA ALA B 398 -0.87 21.99 27.18
C ALA B 398 -2.12 21.41 27.83
N LYS B 399 -3.25 22.09 27.64
CA LYS B 399 -4.47 21.70 28.33
C LYS B 399 -5.74 22.26 27.66
N ASP B 400 -6.89 21.86 28.19
CA ASP B 400 -8.17 22.39 27.73
C ASP B 400 -8.44 22.06 26.25
N VAL B 401 -7.67 21.13 25.70
CA VAL B 401 -8.03 20.50 24.44
C VAL B 401 -7.75 19.01 24.53
N GLY B 402 -8.39 18.26 23.65
CA GLY B 402 -8.22 16.82 23.62
C GLY B 402 -9.32 16.10 22.86
N LEU B 403 -9.62 14.90 23.33
CA LEU B 403 -10.50 14.01 22.63
C LEU B 403 -11.63 13.53 23.53
N LEU B 404 -12.85 13.88 23.15
CA LEU B 404 -14.02 13.21 23.72
C LEU B 404 -14.02 11.83 23.09
N PHE B 405 -13.36 10.88 23.75
CA PHE B 405 -13.30 9.51 23.23
C PHE B 405 -14.63 8.77 23.35
N MET B 406 -15.08 8.18 22.25
CA MET B 406 -16.36 7.48 22.22
C MET B 406 -16.29 6.23 21.37
N ALA B 407 -16.92 5.16 21.84
CA ALA B 407 -16.92 3.90 21.12
C ALA B 407 -18.16 3.08 21.45
N PHE B 408 -18.55 2.22 20.51
CA PHE B 408 -19.63 1.27 20.78
C PHE B 408 -19.04 -0.12 20.91
N ASN B 409 -19.53 -0.87 21.89
CA ASN B 409 -19.11 -2.25 22.09
C ASN B 409 -20.36 -3.09 22.30
N SER B 410 -20.26 -4.36 21.93
CA SER B 410 -21.25 -5.33 22.32
C SER B 410 -20.82 -5.92 23.67
N ASN B 411 -19.54 -5.77 23.99
CA ASN B 411 -19.00 -6.32 25.23
C ASN B 411 -17.87 -5.43 25.74
N LEU B 412 -18.14 -4.69 26.82
CA LEU B 412 -17.21 -3.68 27.26
C LEU B 412 -15.91 -4.29 27.75
N GLY B 413 -16.02 -5.43 28.41
CA GLY B 413 -14.85 -6.09 28.96
C GLY B 413 -13.94 -6.64 27.87
N ASN B 414 -14.53 -7.05 26.75
CA ASN B 414 -13.75 -7.70 25.70
C ASN B 414 -13.25 -6.72 24.65
N GLN B 415 -13.63 -5.45 24.79
CA GLN B 415 -13.34 -4.48 23.74
C GLN B 415 -12.62 -3.24 24.23
N PHE B 416 -13.34 -2.19 24.59
CA PHE B 416 -12.62 -1.03 25.13
C PHE B 416 -11.70 -1.41 26.31
N GLU B 417 -12.26 -2.03 27.33
CA GLU B 417 -11.47 -2.30 28.53
C GLU B 417 -10.33 -3.26 28.22
N PHE B 418 -10.62 -4.27 27.41
CA PHE B 418 -9.64 -5.26 27.03
C PHE B 418 -8.50 -4.54 26.29
N THR B 419 -8.88 -3.75 25.30
CA THR B 419 -7.92 -3.00 24.53
C THR B 419 -7.06 -2.15 25.47
N GLN B 420 -7.71 -1.47 26.40
CA GLN B 420 -7.01 -0.51 27.25
C GLN B 420 -6.06 -1.16 28.23
N GLN B 421 -6.53 -2.18 28.93
CA GLN B 421 -5.75 -2.81 29.99
C GLN B 421 -4.83 -3.91 29.46
N ILE B 422 -5.40 -4.81 28.68
CA ILE B 422 -4.70 -6.02 28.25
C ILE B 422 -3.74 -5.80 27.08
N TRP B 423 -3.88 -4.68 26.36
CA TRP B 423 -2.97 -4.37 25.26
C TRP B 423 -2.18 -3.09 25.55
N ALA B 424 -2.88 -1.96 25.53
CA ALA B 424 -2.25 -0.65 25.72
C ALA B 424 -1.45 -0.51 27.03
N ASN B 425 -2.06 -0.92 28.15
CA ASN B 425 -1.42 -0.81 29.46
C ASN B 425 -0.42 -1.92 29.71
N ASN B 426 -0.36 -2.87 28.79
CA ASN B 426 0.40 -4.10 29.01
C ASN B 426 1.76 -4.13 28.32
N PRO B 427 2.83 -4.04 29.13
CA PRO B 427 4.21 -3.86 28.61
C PRO B 427 4.69 -5.09 27.86
N ALA B 428 4.10 -6.25 28.15
CA ALA B 428 4.51 -7.48 27.51
C ALA B 428 3.79 -7.72 26.19
N PHE B 429 3.08 -6.72 25.68
CA PHE B 429 2.29 -6.93 24.48
C PHE B 429 2.53 -5.86 23.42
N PRO B 430 2.50 -6.25 22.13
CA PRO B 430 2.30 -7.63 21.68
C PRO B 430 3.59 -8.43 21.78
N PHE B 431 3.53 -9.70 21.39
CA PHE B 431 4.64 -10.63 21.57
C PHE B 431 5.69 -10.56 20.47
N PRO B 432 6.85 -9.98 20.79
CA PRO B 432 7.97 -9.98 19.83
C PRO B 432 8.49 -11.40 19.65
N PRO B 433 9.10 -11.67 18.50
CA PRO B 433 9.67 -12.99 18.23
C PRO B 433 10.76 -13.36 19.25
N ASP B 434 11.51 -12.38 19.74
CA ASP B 434 12.54 -12.63 20.76
C ASP B 434 11.96 -12.70 22.17
N GLY B 435 10.65 -12.54 22.30
CA GLY B 435 9.98 -12.72 23.59
C GLY B 435 10.20 -11.61 24.59
N SER B 436 10.72 -10.47 24.13
CA SER B 436 10.94 -9.32 24.99
C SER B 436 9.64 -8.54 25.28
N GLN B 437 9.75 -7.48 26.08
CA GLN B 437 8.62 -6.59 26.40
C GLN B 437 8.72 -5.25 25.70
N PRO B 438 7.81 -4.98 24.76
CA PRO B 438 7.84 -3.67 24.09
C PRO B 438 7.50 -2.51 25.02
N GLY B 439 6.73 -2.78 26.07
CA GLY B 439 6.33 -1.74 26.98
C GLY B 439 4.99 -1.14 26.61
N LEU B 440 4.66 -0.03 27.26
CA LEU B 440 3.35 0.59 27.17
C LEU B 440 3.08 1.33 25.85
N ASP B 441 1.81 1.37 25.47
CA ASP B 441 1.35 2.25 24.40
C ASP B 441 1.67 3.66 24.88
N PRO B 442 2.49 4.39 24.11
CA PRO B 442 2.99 5.70 24.55
C PRO B 442 1.96 6.81 24.46
N VAL B 443 0.94 6.60 23.64
CA VAL B 443 -0.08 7.61 23.41
C VAL B 443 -1.17 7.59 24.49
N ILE B 444 -1.64 6.39 24.85
CA ILE B 444 -2.73 6.24 25.80
C ILE B 444 -2.39 5.24 26.92
N GLY B 445 -1.16 4.74 26.92
CA GLY B 445 -0.72 3.87 27.99
C GLY B 445 -0.86 4.50 29.37
N GLN B 446 -1.34 3.72 30.32
CA GLN B 446 -1.53 4.23 31.67
C GLN B 446 -0.86 3.30 32.66
N GLY B 447 -0.23 3.89 33.67
CA GLY B 447 0.61 3.15 34.58
C GLY B 447 2.06 3.54 34.39
N ALA B 448 2.95 2.76 35.00
CA ALA B 448 4.39 3.06 34.97
C ALA B 448 5.01 2.82 33.59
N ARG B 449 5.81 3.78 33.13
CA ARG B 449 6.48 3.69 31.85
C ARG B 449 8.00 3.57 32.02
N ALA B 450 8.64 2.81 31.16
CA ALA B 450 10.10 2.78 31.10
C ALA B 450 10.58 3.30 29.74
N PRO B 451 11.88 3.44 29.58
CA PRO B 451 12.28 3.75 28.19
C PRO B 451 11.97 2.57 27.27
N GLN B 452 11.76 2.82 25.99
CA GLN B 452 11.50 1.73 25.04
C GLN B 452 12.58 1.60 23.95
N LYS B 453 12.46 0.57 23.12
CA LYS B 453 13.47 0.31 22.10
C LYS B 453 12.97 0.60 20.68
N TYR B 454 13.80 1.28 19.90
CA TYR B 454 13.42 1.71 18.56
C TYR B 454 14.47 1.32 17.49
N ALA B 455 14.02 1.22 16.25
CA ALA B 455 14.92 1.01 15.12
C ALA B 455 15.21 2.35 14.45
N PRO B 456 16.41 2.88 14.67
CA PRO B 456 16.85 4.15 14.08
C PRO B 456 16.74 4.16 12.55
N GLU B 457 17.10 3.05 11.89
CA GLU B 457 17.03 2.97 10.45
C GLU B 457 15.84 2.12 10.04
N TRP B 458 14.90 2.73 9.32
CA TRP B 458 13.67 2.05 8.93
C TRP B 458 13.99 0.76 8.18
N GLY B 459 13.43 -0.35 8.65
CA GLY B 459 13.58 -1.62 7.96
C GLY B 459 14.89 -2.35 8.21
N HIS B 460 15.72 -1.82 9.10
CA HIS B 460 16.99 -2.48 9.45
C HIS B 460 17.07 -2.84 10.92
N ASN B 461 18.03 -3.68 11.26
CA ASN B 461 18.06 -4.36 12.57
C ASN B 461 18.85 -3.65 13.66
N ASN B 462 19.30 -2.43 13.40
CA ASN B 462 20.00 -1.70 14.45
C ASN B 462 18.95 -1.20 15.43
N VAL B 463 19.14 -1.47 16.71
CA VAL B 463 18.17 -1.03 17.71
C VAL B 463 18.78 -0.18 18.81
N ALA B 464 18.12 0.96 19.07
CA ALA B 464 18.54 1.89 20.12
C ALA B 464 17.51 1.95 21.23
N GLU B 465 17.97 2.19 22.46
CA GLU B 465 17.07 2.41 23.57
C GLU B 465 17.05 3.90 23.88
N ALA B 466 15.85 4.49 23.96
CA ALA B 466 15.69 5.90 24.28
C ALA B 466 16.26 6.19 25.67
N THR B 467 16.68 7.44 25.89
CA THR B 467 17.19 7.83 27.19
C THR B 467 16.08 7.84 28.24
N ASP B 468 14.88 8.26 27.83
CA ASP B 468 13.74 8.32 28.74
C ASP B 468 12.45 7.73 28.17
N PRO B 469 11.58 7.24 29.07
CA PRO B 469 10.24 6.79 28.66
C PRO B 469 9.51 7.97 28.04
N ILE B 470 8.66 7.72 27.04
CA ILE B 470 7.83 8.80 26.53
C ILE B 470 6.90 9.27 27.66
N PRO B 471 6.89 10.58 27.93
CA PRO B 471 6.08 11.16 29.03
C PRO B 471 4.59 11.13 28.71
N GLN B 472 3.78 10.68 29.66
CA GLN B 472 2.35 10.54 29.43
C GLN B 472 1.67 11.87 29.16
N ALA B 473 1.20 12.09 27.94
CA ALA B 473 0.61 13.39 27.57
C ALA B 473 -0.91 13.35 27.40
N VAL B 474 -1.49 12.20 27.69
CA VAL B 474 -2.94 12.05 27.62
C VAL B 474 -3.50 11.76 29.01
N THR B 475 -4.42 12.61 29.45
CA THR B 475 -4.97 12.50 30.80
C THR B 475 -6.48 12.26 30.77
N MET B 476 -6.89 11.18 31.42
CA MET B 476 -8.29 10.88 31.67
C MET B 476 -8.92 11.94 32.60
N LYS B 477 -9.86 12.71 32.07
CA LYS B 477 -10.58 13.73 32.85
C LYS B 477 -11.97 13.31 33.33
N GLY B 478 -12.36 12.08 33.03
CA GLY B 478 -13.68 11.58 33.42
C GLY B 478 -14.48 10.94 32.30
N GLY B 479 -15.45 10.12 32.67
CA GLY B 479 -16.33 9.51 31.69
C GLY B 479 -17.29 8.53 32.33
N GLU B 480 -18.09 7.86 31.49
CA GLU B 480 -19.04 6.88 31.95
C GLU B 480 -19.38 5.85 30.87
N TYR B 481 -20.00 4.75 31.31
CA TYR B 481 -20.54 3.73 30.42
C TYR B 481 -22.06 3.85 30.28
N PHE B 482 -22.54 3.78 29.04
CA PHE B 482 -23.95 3.91 28.74
C PHE B 482 -24.43 2.77 27.86
N PHE B 483 -25.72 2.76 27.58
CA PHE B 483 -26.30 1.86 26.58
C PHE B 483 -27.26 2.67 25.73
N MET B 484 -27.02 2.76 24.42
CA MET B 484 -28.02 3.38 23.55
C MET B 484 -29.04 2.32 23.19
N PRO B 485 -30.26 2.46 23.74
CA PRO B 485 -31.35 1.51 23.52
C PRO B 485 -31.94 1.65 22.13
N SER B 486 -32.74 0.67 21.71
CA SER B 486 -33.48 0.75 20.47
C SER B 486 -34.50 1.88 20.51
N LEU B 487 -34.98 2.30 19.35
CA LEU B 487 -36.00 3.33 19.26
C LEU B 487 -37.34 2.83 19.82
N ALA B 488 -37.61 1.55 19.61
CA ALA B 488 -38.84 0.94 20.13
C ALA B 488 -38.87 0.98 21.66
N PHE B 489 -37.70 0.92 22.30
CA PHE B 489 -37.69 1.00 23.75
C PHE B 489 -38.10 2.39 24.21
N LEU B 490 -37.49 3.39 23.61
CA LEU B 490 -37.73 4.77 23.99
C LEU B 490 -39.18 5.16 23.77
N ARG B 491 -39.77 4.67 22.68
CA ARG B 491 -41.17 4.93 22.38
C ARG B 491 -42.07 4.21 23.37
N SER B 492 -41.62 3.07 23.87
CA SER B 492 -42.41 2.26 24.79
C SER B 492 -42.56 2.89 26.18
N LEU B 493 -41.78 3.93 26.45
CA LEU B 493 -41.85 4.60 27.75
C LEU B 493 -42.92 5.70 27.76
#